data_3AFG
#
_entry.id   3AFG
#
_cell.length_a   63.009
_cell.length_b   123.996
_cell.length_c   141.037
_cell.angle_alpha   90.00
_cell.angle_beta   90.00
_cell.angle_gamma   90.00
#
_symmetry.space_group_name_H-M   'P 21 21 21'
#
loop_
_entity.id
_entity.type
_entity.pdbx_description
1 polymer 'Subtilisin-like serine protease'
2 non-polymer 'CALCIUM ION'
3 water water
#
_entity_poly.entity_id   1
_entity_poly.type   'polypeptide(L)'
_entity_poly.pdbx_seq_one_letter_code
;APQKPAVRNVSQQKNYGLLTPGLFKKVQRMSWDQEVSTIIMFDNQADKEKAVEILDFLGAKIKYNYHIIPALAVKIKVKD
LLIIAGLMDTGYFGNAQLSGVQFIQEDYVVKVAVETEGLDESAAQVMATNMWNLGYDGSGITIGIIDTGIDASHPDLQGK
VIGWVDFVNGKTTPYDDNGHGTHVASIAAGTGAASNGKYKGMAPGAKLVGIKVLNGQGSGSISDIINGVDWAVQNKDKYG
IKVINLSLGSSQSSDGTDSLSQAVNNAWDAGLVVVVAAGNSGPNKYTVGSPAAASKVITVGAVDKYDVITDFSSRGPTAD
NRLKPEVVAPGNWIIAARASGTSMGQPINDYYTAAPGTAMATPHVAGIAALLLQAHPSWTPDKVKTALIETADIVKPDEI
ADIAYGAGRVNAYKAAYYDNYAKLTFTGYVSNKGSQSHQFTISGAGFVTATLYWDNSGSDLDLYLYDPNGNQVDYSYTAY
YGFEKVGYYNPTAGTWTIKVVSYSGSANYQVDVVSDGSLGQPSGGGSEPSPSPSPEPTV
;
_entity_poly.pdbx_strand_id   A,B
#
loop_
_chem_comp.id
_chem_comp.type
_chem_comp.name
_chem_comp.formula
CA non-polymer 'CALCIUM ION' 'Ca 2'
#
# COMPACT_ATOMS: atom_id res chain seq x y z
N LYS A 4 -18.45 -28.52 14.81
CA LYS A 4 -18.64 -28.40 13.33
C LYS A 4 -20.02 -28.88 12.90
N PRO A 5 -20.60 -28.22 11.87
CA PRO A 5 -21.82 -28.74 11.25
C PRO A 5 -21.59 -30.16 10.68
N ALA A 6 -22.44 -31.11 11.08
CA ALA A 6 -22.58 -32.35 10.32
C ALA A 6 -22.93 -32.02 8.87
N VAL A 7 -22.48 -32.83 7.93
CA VAL A 7 -22.64 -32.47 6.53
C VAL A 7 -23.78 -33.24 5.86
N ARG A 8 -23.75 -33.25 4.53
CA ARG A 8 -24.93 -33.63 3.75
C ARG A 8 -24.84 -35.08 3.28
N ASN A 9 -25.54 -35.40 2.19
CA ASN A 9 -24.99 -36.25 1.14
C ASN A 9 -24.80 -35.37 -0.08
N VAL A 10 -23.61 -35.42 -0.68
CA VAL A 10 -23.16 -36.60 -1.42
C VAL A 10 -23.84 -37.25 -2.63
N SER A 11 -23.65 -38.53 -2.85
CA SER A 11 -24.72 -39.35 -3.40
C SER A 11 -25.43 -39.23 -4.74
N GLN A 12 -24.81 -38.58 -5.71
CA GLN A 12 -23.86 -39.20 -6.63
C GLN A 12 -24.57 -40.06 -7.68
N GLN A 13 -25.88 -40.15 -7.57
CA GLN A 13 -26.71 -40.78 -8.62
C GLN A 13 -28.18 -40.50 -8.33
N LYS A 14 -28.73 -39.53 -9.06
CA LYS A 14 -29.93 -38.82 -8.69
C LYS A 14 -30.80 -38.59 -9.93
N ASN A 15 -30.17 -38.65 -11.10
CA ASN A 15 -30.89 -38.39 -12.33
C ASN A 15 -31.83 -39.51 -12.71
N TYR A 16 -32.89 -39.15 -13.44
CA TYR A 16 -33.81 -40.09 -14.04
C TYR A 16 -33.36 -40.44 -15.42
N GLY A 17 -32.42 -41.37 -15.50
CA GLY A 17 -31.81 -41.71 -16.78
C GLY A 17 -31.01 -40.51 -17.25
N LEU A 18 -31.42 -39.95 -18.39
CA LEU A 18 -30.85 -38.72 -18.92
C LEU A 18 -31.44 -37.44 -18.30
N LEU A 19 -32.63 -37.54 -17.72
CA LEU A 19 -33.32 -36.34 -17.26
C LEU A 19 -32.83 -35.98 -15.87
N THR A 20 -32.62 -34.68 -15.62
CA THR A 20 -32.49 -34.18 -14.26
C THR A 20 -33.81 -34.41 -13.57
N PRO A 21 -33.77 -34.51 -12.23
CA PRO A 21 -35.01 -34.75 -11.50
C PRO A 21 -36.01 -33.65 -11.80
N GLY A 22 -35.49 -32.41 -11.80
CA GLY A 22 -36.31 -31.24 -11.99
C GLY A 22 -37.02 -31.30 -13.32
N LEU A 23 -36.30 -31.69 -14.36
CA LEU A 23 -36.93 -31.81 -15.71
C LEU A 23 -37.92 -32.98 -15.78
N PHE A 24 -37.61 -34.08 -15.11
CA PHE A 24 -38.46 -35.26 -15.12
C PHE A 24 -39.85 -34.93 -14.51
N LYS A 25 -39.82 -34.27 -13.35
CA LYS A 25 -41.02 -33.75 -12.71
C LYS A 25 -41.77 -32.79 -13.60
N LYS A 26 -41.04 -31.85 -14.19
CA LYS A 26 -41.68 -30.88 -15.03
C LYS A 26 -42.55 -31.61 -16.03
N VAL A 27 -41.98 -32.57 -16.75
CA VAL A 27 -42.69 -33.13 -17.90
C VAL A 27 -43.78 -34.12 -17.48
N GLN A 28 -43.68 -34.62 -16.25
CA GLN A 28 -44.73 -35.46 -15.69
C GLN A 28 -46.07 -34.75 -15.60
N ARG A 29 -46.04 -33.42 -15.42
CA ARG A 29 -47.26 -32.62 -15.34
C ARG A 29 -47.65 -32.04 -16.67
N MET A 30 -46.93 -32.38 -17.72
CA MET A 30 -47.23 -31.83 -19.04
C MET A 30 -47.79 -32.92 -19.95
N SER A 31 -48.43 -32.50 -21.02
CA SER A 31 -48.95 -33.41 -22.01
C SER A 31 -48.11 -33.41 -23.26
N TRP A 32 -48.37 -34.39 -24.12
CA TRP A 32 -47.37 -34.94 -25.02
C TRP A 32 -46.94 -33.94 -26.05
N ASP A 33 -47.78 -32.96 -26.29
CA ASP A 33 -47.74 -32.22 -27.55
C ASP A 33 -47.26 -30.81 -27.23
N GLN A 34 -47.25 -30.52 -25.94
CA GLN A 34 -46.62 -29.34 -25.41
C GLN A 34 -45.13 -29.29 -25.67
N GLU A 35 -44.57 -28.09 -25.58
CA GLU A 35 -43.17 -27.90 -25.83
C GLU A 35 -42.41 -27.59 -24.55
N VAL A 36 -41.16 -28.00 -24.51
CA VAL A 36 -40.28 -27.65 -23.39
C VAL A 36 -38.88 -27.26 -23.88
N SER A 37 -38.28 -26.29 -23.20
CA SER A 37 -36.97 -25.78 -23.59
C SER A 37 -35.95 -26.50 -22.72
N THR A 38 -34.94 -27.06 -23.38
CA THR A 38 -33.97 -27.88 -22.64
C THR A 38 -32.55 -27.50 -23.04
N ILE A 39 -31.60 -27.91 -22.22
CA ILE A 39 -30.22 -28.01 -22.66
C ILE A 39 -29.82 -29.48 -22.61
N ILE A 40 -29.37 -30.02 -23.74
CA ILE A 40 -28.79 -31.38 -23.77
C ILE A 40 -27.27 -31.32 -23.71
N MET A 41 -26.71 -31.80 -22.61
CA MET A 41 -25.27 -31.88 -22.46
C MET A 41 -24.81 -33.26 -22.86
N PHE A 42 -23.85 -33.29 -23.79
CA PHE A 42 -23.27 -34.57 -24.22
C PHE A 42 -21.92 -34.82 -23.58
N ASP A 43 -21.37 -36.02 -23.76
CA ASP A 43 -20.07 -36.30 -23.17
C ASP A 43 -18.88 -35.78 -23.98
N ASN A 44 -19.12 -35.45 -25.25
CA ASN A 44 -18.11 -34.75 -26.05
C ASN A 44 -18.75 -34.18 -27.30
N GLN A 45 -17.96 -33.43 -28.07
CA GLN A 45 -18.46 -32.63 -29.17
C GLN A 45 -18.95 -33.47 -30.33
N ALA A 46 -18.27 -34.58 -30.61
CA ALA A 46 -18.64 -35.44 -31.73
C ALA A 46 -20.00 -36.10 -31.47
N ASP A 47 -20.20 -36.58 -30.24
CA ASP A 47 -21.51 -37.09 -29.84
C ASP A 47 -22.62 -36.06 -29.96
N LYS A 48 -22.30 -34.82 -29.60
CA LYS A 48 -23.27 -33.74 -29.71
C LYS A 48 -23.65 -33.58 -31.20
N GLU A 49 -22.65 -33.64 -32.06
CA GLU A 49 -22.85 -33.45 -33.50
C GLU A 49 -23.69 -34.57 -34.09
N LYS A 50 -23.41 -35.81 -33.70
CA LYS A 50 -24.22 -36.92 -34.20
C LYS A 50 -25.71 -36.75 -33.97
N ALA A 51 -26.09 -35.98 -32.96
CA ALA A 51 -27.46 -35.99 -32.49
C ALA A 51 -28.28 -34.99 -33.27
N VAL A 52 -27.61 -34.06 -33.93
CA VAL A 52 -28.31 -33.05 -34.70
C VAL A 52 -29.28 -33.71 -35.68
N GLU A 53 -28.78 -34.66 -36.49
CA GLU A 53 -29.60 -35.28 -37.53
C GLU A 53 -30.85 -35.96 -36.95
N ILE A 54 -30.68 -36.63 -35.82
CA ILE A 54 -31.77 -37.30 -35.11
C ILE A 54 -32.78 -36.30 -34.58
N LEU A 55 -32.30 -35.22 -33.99
CA LEU A 55 -33.19 -34.18 -33.51
C LEU A 55 -33.93 -33.49 -34.66
N ASP A 56 -33.25 -33.28 -35.79
CA ASP A 56 -33.94 -32.77 -36.99
C ASP A 56 -35.08 -33.73 -37.35
N PHE A 57 -34.77 -35.01 -37.43
CA PHE A 57 -35.77 -36.03 -37.76
C PHE A 57 -37.03 -35.93 -36.91
N LEU A 58 -36.85 -35.84 -35.59
CA LEU A 58 -37.99 -35.72 -34.69
C LEU A 58 -38.71 -34.39 -34.84
N GLY A 59 -38.08 -33.42 -35.50
CA GLY A 59 -38.61 -32.06 -35.54
C GLY A 59 -38.40 -31.24 -34.25
N ALA A 60 -37.41 -31.61 -33.45
CA ALA A 60 -36.98 -30.74 -32.37
C ALA A 60 -36.25 -29.54 -32.99
N LYS A 61 -36.31 -28.41 -32.31
CA LYS A 61 -35.71 -27.19 -32.82
C LYS A 61 -34.48 -26.79 -32.00
N ILE A 62 -33.33 -26.85 -32.64
CA ILE A 62 -32.09 -26.48 -32.00
C ILE A 62 -31.92 -24.96 -32.07
N LYS A 63 -31.99 -24.31 -30.91
CA LYS A 63 -31.77 -22.88 -30.76
C LYS A 63 -30.27 -22.54 -30.80
N TYR A 64 -29.47 -23.30 -30.06
CA TYR A 64 -28.02 -23.11 -30.13
C TYR A 64 -27.27 -24.42 -30.23
N ASN A 65 -26.21 -24.42 -31.03
CA ASN A 65 -25.18 -25.45 -31.00
C ASN A 65 -23.86 -24.87 -30.47
N TYR A 66 -23.49 -25.24 -29.26
CA TYR A 66 -22.44 -24.53 -28.53
C TYR A 66 -21.06 -25.07 -28.88
N HIS A 67 -20.07 -24.17 -28.81
CA HIS A 67 -18.64 -24.54 -28.77
C HIS A 67 -18.12 -24.74 -27.34
N ILE A 68 -18.49 -23.84 -26.44
CA ILE A 68 -17.85 -23.79 -25.10
C ILE A 68 -18.20 -25.01 -24.23
N ILE A 69 -19.36 -25.59 -24.50
CA ILE A 69 -19.74 -26.88 -23.94
C ILE A 69 -20.24 -27.80 -25.05
N PRO A 70 -20.09 -29.12 -24.84
CA PRO A 70 -20.62 -30.02 -25.86
C PRO A 70 -22.13 -30.22 -25.72
N ALA A 71 -22.91 -29.19 -26.07
CA ALA A 71 -24.32 -29.15 -25.70
C ALA A 71 -25.14 -28.49 -26.77
N LEU A 72 -26.43 -28.80 -26.76
CA LEU A 72 -27.40 -28.19 -27.63
C LEU A 72 -28.49 -27.58 -26.76
N ALA A 73 -28.91 -26.36 -27.08
CA ALA A 73 -30.12 -25.80 -26.51
C ALA A 73 -31.29 -26.14 -27.41
N VAL A 74 -32.27 -26.88 -26.87
CA VAL A 74 -33.26 -27.54 -27.74
C VAL A 74 -34.69 -27.26 -27.26
N LYS A 75 -35.54 -26.83 -28.18
CA LYS A 75 -36.96 -26.75 -27.88
C LYS A 75 -37.64 -27.96 -28.51
N ILE A 76 -38.34 -28.74 -27.68
CA ILE A 76 -38.69 -30.12 -28.06
C ILE A 76 -40.05 -30.44 -27.46
N LYS A 77 -40.92 -31.10 -28.23
CA LYS A 77 -42.15 -31.64 -27.64
C LYS A 77 -41.88 -32.69 -26.55
N VAL A 78 -42.77 -32.74 -25.57
CA VAL A 78 -42.66 -33.76 -24.53
C VAL A 78 -42.58 -35.17 -25.12
N LYS A 79 -43.51 -35.53 -26.00
CA LYS A 79 -43.47 -36.87 -26.58
C LYS A 79 -42.11 -37.14 -27.20
N ASP A 80 -41.52 -36.15 -27.88
CA ASP A 80 -40.20 -36.33 -28.51
C ASP A 80 -39.09 -36.42 -27.49
N LEU A 81 -39.27 -35.75 -26.37
CA LEU A 81 -38.25 -35.76 -25.34
C LEU A 81 -38.28 -37.09 -24.60
N LEU A 82 -39.49 -37.61 -24.37
CA LEU A 82 -39.63 -38.96 -23.87
C LEU A 82 -38.95 -39.99 -24.77
N ILE A 83 -39.00 -39.79 -26.09
CA ILE A 83 -38.32 -40.70 -27.00
C ILE A 83 -36.79 -40.68 -26.83
N ILE A 84 -36.16 -39.52 -26.90
CA ILE A 84 -34.71 -39.48 -26.75
C ILE A 84 -34.26 -39.85 -25.32
N ALA A 85 -35.15 -39.66 -24.35
CA ALA A 85 -34.87 -40.05 -22.95
C ALA A 85 -35.00 -41.58 -22.77
N GLY A 86 -35.49 -42.26 -23.80
CA GLY A 86 -35.70 -43.70 -23.72
C GLY A 86 -36.94 -44.08 -22.93
N LEU A 87 -37.87 -43.14 -22.78
CA LEU A 87 -39.05 -43.39 -21.98
C LEU A 87 -40.29 -43.72 -22.80
N MET A 88 -40.10 -43.93 -24.09
CA MET A 88 -41.23 -44.09 -24.98
C MET A 88 -40.90 -44.74 -26.29
N ASP A 89 -41.12 -46.04 -26.33
CA ASP A 89 -40.58 -46.86 -27.38
C ASP A 89 -41.36 -46.66 -28.66
N THR A 90 -40.67 -46.13 -29.67
CA THR A 90 -40.81 -46.58 -31.03
C THR A 90 -40.43 -48.05 -31.14
N GLY A 94 -35.62 -47.07 -31.05
CA GLY A 94 -35.37 -47.65 -29.74
C GLY A 94 -36.52 -48.29 -28.99
N ASN A 95 -36.91 -47.71 -27.86
CA ASN A 95 -36.34 -48.10 -26.58
C ASN A 95 -35.05 -47.57 -25.95
N ALA A 96 -34.25 -46.84 -26.63
CA ALA A 96 -32.91 -46.56 -26.18
C ALA A 96 -32.80 -45.08 -25.84
N GLN A 97 -32.03 -44.79 -24.80
CA GLN A 97 -31.55 -43.46 -24.54
C GLN A 97 -30.69 -42.94 -25.71
N LEU A 98 -30.90 -41.67 -26.05
CA LEU A 98 -30.05 -41.01 -27.03
C LEU A 98 -28.59 -41.15 -26.63
N SER A 99 -27.76 -41.56 -27.58
CA SER A 99 -26.39 -41.97 -27.32
C SER A 99 -25.49 -40.80 -26.92
N GLY A 100 -24.62 -41.02 -25.95
CA GLY A 100 -23.60 -40.05 -25.62
C GLY A 100 -24.11 -38.81 -24.93
N VAL A 101 -25.31 -38.88 -24.36
CA VAL A 101 -25.84 -37.79 -23.55
C VAL A 101 -25.46 -37.98 -22.09
N GLN A 102 -24.89 -36.93 -21.50
CA GLN A 102 -24.61 -36.90 -20.07
C GLN A 102 -25.91 -36.62 -19.29
N PHE A 103 -26.56 -35.51 -19.61
CA PHE A 103 -27.85 -35.18 -19.00
C PHE A 103 -28.67 -34.23 -19.86
N ILE A 104 -29.97 -34.18 -19.62
CA ILE A 104 -30.83 -33.14 -20.16
C ILE A 104 -31.46 -32.33 -19.03
N GLN A 105 -31.20 -31.03 -19.01
CA GLN A 105 -31.79 -30.13 -18.02
C GLN A 105 -32.84 -29.23 -18.66
N GLU A 106 -33.70 -28.66 -17.83
CA GLU A 106 -34.52 -27.54 -18.25
C GLU A 106 -33.68 -26.27 -18.59
N ASP A 107 -34.00 -25.62 -19.71
CA ASP A 107 -33.53 -24.27 -20.02
C ASP A 107 -34.46 -23.27 -19.33
N TYR A 108 -34.16 -22.95 -18.07
CA TYR A 108 -35.05 -22.13 -17.25
C TYR A 108 -34.67 -20.64 -17.28
N VAL A 109 -35.51 -19.78 -16.70
CA VAL A 109 -35.30 -18.34 -16.80
C VAL A 109 -34.59 -17.80 -15.56
N VAL A 110 -33.56 -16.99 -15.79
CA VAL A 110 -32.83 -16.26 -14.75
C VAL A 110 -33.34 -14.79 -14.66
N LYS A 111 -33.42 -14.24 -13.45
CA LYS A 111 -33.91 -12.87 -13.20
C LYS A 111 -32.94 -12.05 -12.37
N VAL A 112 -32.74 -10.79 -12.75
CA VAL A 112 -32.04 -9.84 -11.88
C VAL A 112 -32.89 -8.68 -11.31
N ALA A 124 -30.72 4.75 3.45
CA ALA A 124 -29.67 4.25 2.57
C ALA A 124 -28.38 5.08 2.73
N GLN A 125 -27.32 4.43 3.21
CA GLN A 125 -25.97 5.00 3.14
C GLN A 125 -25.19 4.55 1.91
N VAL A 126 -25.08 5.46 0.95
CA VAL A 126 -24.53 5.15 -0.36
C VAL A 126 -23.02 5.20 -0.30
N MET A 127 -22.35 4.64 -1.32
CA MET A 127 -20.90 4.72 -1.41
C MET A 127 -20.35 4.49 -2.82
N ALA A 128 -19.17 5.04 -3.06
CA ALA A 128 -18.38 4.75 -4.25
C ALA A 128 -17.82 3.33 -4.19
N THR A 129 -17.60 2.70 -5.35
CA THR A 129 -16.95 1.38 -5.37
C THR A 129 -15.46 1.39 -4.97
N ASN A 130 -14.75 2.47 -5.27
CA ASN A 130 -13.30 2.49 -5.36
C ASN A 130 -12.72 3.46 -4.33
N MET A 131 -12.14 2.92 -3.25
CA MET A 131 -11.54 3.75 -2.20
C MET A 131 -10.02 3.88 -2.34
N TRP A 132 -9.49 3.56 -3.53
CA TRP A 132 -8.04 3.49 -3.72
C TRP A 132 -7.51 4.42 -4.82
N ASN A 133 -6.20 4.67 -4.74
CA ASN A 133 -5.46 5.21 -5.87
C ASN A 133 -4.27 4.32 -6.19
N LEU A 134 -4.28 3.76 -7.39
CA LEU A 134 -3.37 2.68 -7.75
C LEU A 134 -2.57 3.13 -8.96
N GLY A 135 -1.40 2.55 -9.17
CA GLY A 135 -0.60 2.86 -10.35
C GLY A 135 -1.14 2.21 -11.63
N TYR A 136 -2.10 1.30 -11.44
CA TYR A 136 -2.65 0.54 -12.57
C TYR A 136 -4.12 0.92 -12.75
N ASP A 137 -4.61 0.76 -13.96
CA ASP A 137 -5.99 1.10 -14.20
C ASP A 137 -6.65 0.16 -15.20
N GLY A 138 -5.97 -0.93 -15.52
CA GLY A 138 -6.49 -1.94 -16.42
C GLY A 138 -6.35 -1.61 -17.90
N SER A 139 -5.54 -0.59 -18.23
CA SER A 139 -5.23 -0.29 -19.62
C SER A 139 -4.74 -1.50 -20.40
N GLY A 140 -5.26 -1.64 -21.62
CA GLY A 140 -4.93 -2.80 -22.44
C GLY A 140 -5.70 -4.09 -22.13
N ILE A 141 -6.59 -4.06 -21.13
CA ILE A 141 -7.43 -5.23 -20.81
C ILE A 141 -8.89 -4.94 -21.19
N THR A 142 -9.60 -5.94 -21.71
CA THR A 142 -11.02 -5.81 -22.07
C THR A 142 -11.87 -6.70 -21.21
N ILE A 143 -12.94 -6.15 -20.63
CA ILE A 143 -13.85 -6.90 -19.78
C ILE A 143 -15.19 -7.07 -20.53
N GLY A 144 -15.66 -8.31 -20.63
CA GLY A 144 -17.01 -8.63 -21.15
C GLY A 144 -18.08 -8.46 -20.09
N ILE A 145 -19.11 -7.67 -20.40
CA ILE A 145 -20.21 -7.53 -19.45
C ILE A 145 -21.40 -8.32 -19.97
N ILE A 146 -21.69 -9.44 -19.31
CA ILE A 146 -22.77 -10.32 -19.74
C ILE A 146 -24.09 -10.05 -19.01
N ASP A 147 -24.93 -9.22 -19.61
CA ASP A 147 -25.93 -8.51 -18.86
C ASP A 147 -26.99 -7.88 -19.78
N THR A 148 -27.67 -6.86 -19.26
CA THR A 148 -28.75 -6.19 -19.97
C THR A 148 -28.30 -5.28 -21.10
N GLY A 149 -26.99 -5.21 -21.31
CA GLY A 149 -26.42 -4.27 -22.28
C GLY A 149 -25.49 -3.26 -21.62
N ILE A 150 -25.08 -2.27 -22.40
CA ILE A 150 -24.32 -1.13 -21.89
C ILE A 150 -24.77 0.15 -22.60
N ASP A 151 -25.04 1.20 -21.83
CA ASP A 151 -25.27 2.53 -22.42
C ASP A 151 -23.95 3.22 -22.74
N ALA A 152 -23.45 3.00 -23.96
CA ALA A 152 -22.15 3.48 -24.37
C ALA A 152 -22.14 4.99 -24.63
N SER A 153 -23.26 5.64 -24.37
CA SER A 153 -23.34 7.08 -24.53
C SER A 153 -23.15 7.76 -23.18
N HIS A 154 -23.24 7.01 -22.10
CA HIS A 154 -22.89 7.58 -20.78
C HIS A 154 -21.49 8.18 -20.80
N PRO A 155 -21.33 9.40 -20.27
CA PRO A 155 -20.01 10.07 -20.26
C PRO A 155 -18.86 9.24 -19.65
N ASP A 156 -19.17 8.34 -18.73
CA ASP A 156 -18.13 7.54 -18.05
C ASP A 156 -17.68 6.32 -18.84
N LEU A 157 -18.37 6.06 -19.95
CA LEU A 157 -18.15 4.86 -20.75
C LEU A 157 -17.81 5.15 -22.20
N GLN A 158 -17.65 6.42 -22.56
CA GLN A 158 -17.62 6.74 -23.98
C GLN A 158 -16.34 6.27 -24.62
N GLY A 159 -16.47 5.72 -25.82
CA GLY A 159 -15.36 5.07 -26.51
C GLY A 159 -14.84 3.78 -25.88
N LYS A 160 -15.45 3.33 -24.78
CA LYS A 160 -14.96 2.11 -24.09
C LYS A 160 -15.46 0.83 -24.75
N VAL A 161 -16.70 0.87 -25.22
CA VAL A 161 -17.34 -0.33 -25.76
C VAL A 161 -16.84 -0.66 -27.16
N ILE A 162 -15.88 -1.58 -27.23
CA ILE A 162 -15.23 -1.87 -28.50
C ILE A 162 -15.83 -3.08 -29.22
N GLY A 163 -16.83 -3.68 -28.60
CA GLY A 163 -17.37 -4.93 -29.08
C GLY A 163 -18.78 -5.05 -28.53
N TRP A 164 -19.64 -5.72 -29.29
CA TRP A 164 -21.06 -5.69 -28.95
C TRP A 164 -21.81 -6.85 -29.59
N VAL A 165 -22.70 -7.47 -28.81
CA VAL A 165 -23.65 -8.44 -29.36
C VAL A 165 -24.95 -8.43 -28.58
N ASP A 166 -26.07 -8.53 -29.29
CA ASP A 166 -27.37 -8.53 -28.65
C ASP A 166 -28.15 -9.79 -28.99
N PHE A 167 -28.14 -10.74 -28.07
CA PHE A 167 -28.83 -12.02 -28.26
C PHE A 167 -30.30 -11.99 -27.90
N VAL A 168 -30.77 -10.87 -27.33
CA VAL A 168 -32.16 -10.72 -26.97
C VAL A 168 -32.96 -10.18 -28.16
N ASN A 169 -32.54 -9.02 -28.70
CA ASN A 169 -33.27 -8.33 -29.77
C ASN A 169 -32.49 -8.22 -31.10
N GLY A 170 -31.21 -8.59 -31.11
CA GLY A 170 -30.39 -8.54 -32.31
C GLY A 170 -30.04 -7.15 -32.80
N LYS A 171 -30.15 -6.15 -31.92
CA LYS A 171 -29.71 -4.81 -32.29
C LYS A 171 -28.20 -4.73 -32.40
N THR A 172 -27.69 -3.91 -33.32
CA THR A 172 -26.30 -4.02 -33.72
C THR A 172 -25.44 -2.90 -33.17
N THR A 173 -26.09 -1.98 -32.45
CA THR A 173 -25.46 -0.88 -31.76
C THR A 173 -25.67 -1.03 -30.22
N PRO A 174 -24.63 -0.73 -29.42
CA PRO A 174 -24.82 -0.91 -27.96
C PRO A 174 -26.02 -0.11 -27.44
N TYR A 175 -26.75 -0.67 -26.48
CA TYR A 175 -27.72 0.08 -25.69
C TYR A 175 -27.95 -0.68 -24.39
N ASP A 176 -28.72 -0.07 -23.50
CA ASP A 176 -29.15 -0.74 -22.28
C ASP A 176 -30.57 -0.29 -21.92
N ASP A 177 -31.51 -1.22 -21.99
CA ASP A 177 -32.89 -0.82 -21.79
C ASP A 177 -33.36 -1.14 -20.37
N ASN A 178 -32.42 -1.39 -19.47
CA ASN A 178 -32.79 -1.72 -18.12
C ASN A 178 -32.05 -0.85 -17.13
N GLY A 179 -30.74 -0.69 -17.32
CA GLY A 179 -29.94 0.07 -16.38
C GLY A 179 -28.91 -0.80 -15.68
N HIS A 180 -29.25 -2.08 -15.49
CA HIS A 180 -28.39 -3.00 -14.72
C HIS A 180 -26.99 -3.18 -15.31
N GLY A 181 -26.92 -3.42 -16.61
CA GLY A 181 -25.67 -3.76 -17.25
C GLY A 181 -24.77 -2.56 -17.32
N THR A 182 -25.36 -1.37 -17.33
CA THR A 182 -24.56 -0.13 -17.42
C THR A 182 -23.93 0.13 -16.03
N HIS A 183 -24.74 -0.04 -15.02
CA HIS A 183 -24.31 0.16 -13.65
C HIS A 183 -23.11 -0.76 -13.38
N VAL A 184 -23.31 -2.06 -13.60
CA VAL A 184 -22.23 -3.05 -13.59
C VAL A 184 -21.00 -2.68 -14.43
N ALA A 185 -21.20 -2.27 -15.69
CA ALA A 185 -20.06 -1.96 -16.52
C ALA A 185 -19.26 -0.80 -15.91
N SER A 186 -19.94 0.16 -15.30
CA SER A 186 -19.27 1.33 -14.76
C SER A 186 -18.55 1.02 -13.42
N ILE A 187 -19.08 0.08 -12.65
CA ILE A 187 -18.34 -0.35 -11.45
C ILE A 187 -17.03 -1.04 -11.83
N ALA A 188 -17.06 -1.73 -12.95
CA ALA A 188 -15.89 -2.43 -13.44
C ALA A 188 -14.89 -1.47 -14.09
N ALA A 189 -15.36 -0.53 -14.92
CA ALA A 189 -14.45 0.18 -15.78
C ALA A 189 -14.78 1.65 -16.07
N GLY A 190 -15.77 2.20 -15.38
CA GLY A 190 -16.13 3.60 -15.58
C GLY A 190 -14.96 4.53 -15.32
N THR A 191 -14.89 5.63 -16.06
CA THR A 191 -13.81 6.62 -15.84
C THR A 191 -14.16 7.55 -14.72
N GLY A 192 -15.43 7.63 -14.35
CA GLY A 192 -15.94 8.67 -13.46
C GLY A 192 -15.92 10.11 -13.99
N ALA A 193 -15.85 10.28 -15.31
CA ALA A 193 -15.81 11.63 -15.92
C ALA A 193 -16.90 12.57 -15.40
N ALA A 194 -18.13 12.06 -15.21
CA ALA A 194 -19.24 12.91 -14.77
C ALA A 194 -19.27 13.25 -13.26
N SER A 195 -18.31 12.75 -12.49
CA SER A 195 -18.23 13.09 -11.08
C SER A 195 -16.79 13.48 -10.79
N ASN A 196 -16.09 13.86 -11.85
CA ASN A 196 -14.66 14.08 -11.83
C ASN A 196 -13.92 13.02 -11.02
N GLY A 197 -14.21 11.76 -11.31
CA GLY A 197 -13.42 10.65 -10.80
C GLY A 197 -14.03 10.01 -9.57
N LYS A 198 -14.98 10.68 -8.95
CA LYS A 198 -15.41 10.24 -7.64
C LYS A 198 -16.07 8.87 -7.70
N TYR A 199 -16.88 8.65 -8.73
CA TYR A 199 -17.49 7.34 -8.93
C TYR A 199 -16.90 6.60 -10.09
N LYS A 200 -15.57 6.62 -10.20
CA LYS A 200 -14.89 5.80 -11.21
C LYS A 200 -15.02 4.33 -10.82
N GLY A 201 -14.86 3.44 -11.79
CA GLY A 201 -14.83 2.02 -11.48
C GLY A 201 -13.45 1.53 -11.05
N MET A 202 -13.32 0.22 -10.89
CA MET A 202 -12.09 -0.33 -10.33
C MET A 202 -10.99 -0.38 -11.37
N ALA A 203 -11.38 -0.41 -12.65
CA ALA A 203 -10.41 -0.45 -13.71
C ALA A 203 -10.69 0.63 -14.76
N PRO A 204 -10.45 1.89 -14.43
CA PRO A 204 -10.88 3.02 -15.29
C PRO A 204 -10.29 3.02 -16.70
N GLY A 205 -9.13 2.41 -16.89
CA GLY A 205 -8.54 2.35 -18.23
C GLY A 205 -8.94 1.15 -19.09
N ALA A 206 -9.77 0.26 -18.55
CA ALA A 206 -10.13 -0.95 -19.27
C ALA A 206 -11.18 -0.69 -20.36
N LYS A 207 -11.12 -1.51 -21.42
CA LYS A 207 -12.18 -1.56 -22.42
C LYS A 207 -13.28 -2.53 -22.02
N LEU A 208 -14.39 -2.48 -22.75
CA LEU A 208 -15.55 -3.27 -22.44
C LEU A 208 -16.04 -3.92 -23.73
N VAL A 209 -16.64 -5.10 -23.57
CA VAL A 209 -17.50 -5.65 -24.62
C VAL A 209 -18.88 -5.85 -23.99
N GLY A 210 -19.91 -5.35 -24.68
CA GLY A 210 -21.30 -5.51 -24.23
C GLY A 210 -21.93 -6.77 -24.81
N ILE A 211 -22.37 -7.65 -23.91
CA ILE A 211 -23.02 -8.90 -24.28
C ILE A 211 -24.42 -9.00 -23.69
N LYS A 212 -25.41 -8.62 -24.49
CA LYS A 212 -26.78 -8.53 -23.98
C LYS A 212 -27.50 -9.87 -24.08
N VAL A 213 -27.72 -10.48 -22.91
CA VAL A 213 -28.40 -11.77 -22.82
C VAL A 213 -29.65 -11.67 -21.94
N LEU A 214 -29.85 -10.49 -21.35
CA LEU A 214 -30.95 -10.26 -20.45
C LEU A 214 -31.80 -9.13 -21.05
N ASN A 215 -33.12 -9.27 -20.95
CA ASN A 215 -34.03 -8.30 -21.54
C ASN A 215 -34.22 -7.04 -20.68
N GLY A 216 -35.19 -6.22 -21.06
CA GLY A 216 -35.39 -4.93 -20.41
C GLY A 216 -35.90 -5.11 -19.00
N GLN A 217 -36.50 -6.27 -18.74
CA GLN A 217 -36.95 -6.59 -17.39
C GLN A 217 -35.87 -7.20 -16.51
N GLY A 218 -34.69 -7.41 -17.08
CA GLY A 218 -33.60 -8.02 -16.35
C GLY A 218 -33.70 -9.54 -16.34
N SER A 219 -34.47 -10.12 -17.26
CA SER A 219 -34.64 -11.58 -17.33
C SER A 219 -34.01 -12.22 -18.57
N GLY A 220 -33.59 -13.47 -18.42
CA GLY A 220 -33.00 -14.23 -19.53
C GLY A 220 -32.99 -15.75 -19.32
N SER A 221 -32.85 -16.49 -20.42
CA SER A 221 -32.84 -17.94 -20.37
C SER A 221 -31.40 -18.38 -20.18
N ILE A 222 -31.22 -19.45 -19.41
CA ILE A 222 -29.97 -20.19 -19.40
C ILE A 222 -29.31 -20.34 -20.75
N SER A 223 -30.06 -20.77 -21.75
CA SER A 223 -29.48 -20.94 -23.07
C SER A 223 -28.81 -19.66 -23.61
N ASP A 224 -29.46 -18.52 -23.42
CA ASP A 224 -28.95 -17.24 -23.91
C ASP A 224 -27.66 -16.84 -23.15
N ILE A 225 -27.68 -17.05 -21.85
CA ILE A 225 -26.51 -16.75 -21.01
C ILE A 225 -25.29 -17.60 -21.36
N ILE A 226 -25.53 -18.87 -21.62
CA ILE A 226 -24.44 -19.75 -22.08
C ILE A 226 -23.93 -19.25 -23.44
N ASN A 227 -24.85 -18.79 -24.29
CA ASN A 227 -24.41 -18.39 -25.61
C ASN A 227 -23.54 -17.15 -25.50
N GLY A 228 -23.89 -16.28 -24.56
CA GLY A 228 -23.07 -15.10 -24.29
C GLY A 228 -21.67 -15.46 -23.79
N VAL A 229 -21.57 -16.46 -22.90
CA VAL A 229 -20.26 -16.96 -22.51
C VAL A 229 -19.49 -17.53 -23.70
N ASP A 230 -20.17 -18.33 -24.54
CA ASP A 230 -19.59 -18.89 -25.77
C ASP A 230 -19.00 -17.84 -26.71
N TRP A 231 -19.81 -16.82 -26.99
CA TRP A 231 -19.38 -15.67 -27.78
C TRP A 231 -18.12 -14.99 -27.22
N ALA A 232 -18.09 -14.76 -25.91
CA ALA A 232 -16.91 -14.16 -25.30
C ALA A 232 -15.66 -14.99 -25.58
N VAL A 233 -15.74 -16.29 -25.32
CA VAL A 233 -14.64 -17.20 -25.65
C VAL A 233 -14.30 -17.23 -27.15
N GLN A 234 -15.33 -17.31 -28.02
CA GLN A 234 -15.04 -17.30 -29.48
C GLN A 234 -14.31 -16.01 -29.85
N ASN A 235 -14.65 -14.92 -29.19
CA ASN A 235 -14.17 -13.61 -29.63
C ASN A 235 -13.07 -13.03 -28.75
N LYS A 236 -12.48 -13.86 -27.93
CA LYS A 236 -11.57 -13.37 -26.91
C LYS A 236 -10.33 -12.73 -27.52
N ASP A 237 -9.80 -13.34 -28.58
CA ASP A 237 -8.62 -12.80 -29.28
C ASP A 237 -8.94 -11.48 -30.00
N LYS A 238 -10.03 -11.48 -30.78
CA LYS A 238 -10.49 -10.30 -31.49
C LYS A 238 -10.62 -9.04 -30.65
N TYR A 239 -11.12 -9.16 -29.42
CA TYR A 239 -11.36 -7.97 -28.62
C TYR A 239 -10.41 -7.87 -27.40
N GLY A 240 -9.51 -8.85 -27.25
CA GLY A 240 -8.58 -8.88 -26.12
C GLY A 240 -9.29 -9.06 -24.79
N ILE A 241 -10.32 -9.90 -24.78
CA ILE A 241 -11.11 -10.12 -23.59
C ILE A 241 -10.26 -10.98 -22.66
N LYS A 242 -10.07 -10.52 -21.43
CA LYS A 242 -9.33 -11.30 -20.43
C LYS A 242 -10.18 -11.59 -19.21
N VAL A 243 -11.30 -10.87 -19.07
CA VAL A 243 -12.14 -11.00 -17.87
C VAL A 243 -13.56 -11.00 -18.35
N ILE A 244 -14.37 -11.91 -17.82
CA ILE A 244 -15.82 -11.76 -18.00
C ILE A 244 -16.60 -11.70 -16.71
N ASN A 245 -17.64 -10.89 -16.76
CA ASN A 245 -18.45 -10.54 -15.61
C ASN A 245 -19.87 -11.07 -15.77
N LEU A 246 -20.28 -11.94 -14.85
CA LEU A 246 -21.67 -12.41 -14.78
C LEU A 246 -22.37 -12.02 -13.48
N SER A 247 -23.03 -10.86 -13.48
CA SER A 247 -23.77 -10.38 -12.33
C SER A 247 -25.21 -10.86 -12.40
N LEU A 248 -25.41 -12.18 -12.33
CA LEU A 248 -26.67 -12.81 -12.69
C LEU A 248 -26.55 -14.26 -12.24
N GLY A 249 -27.70 -14.91 -12.01
CA GLY A 249 -27.71 -16.32 -11.65
C GLY A 249 -29.08 -16.68 -11.10
N SER A 250 -29.29 -17.94 -10.73
CA SER A 250 -30.38 -18.28 -9.82
C SER A 250 -29.79 -18.84 -8.55
N SER A 251 -30.61 -18.95 -7.52
CA SER A 251 -30.06 -19.32 -6.22
C SER A 251 -30.52 -20.65 -5.65
N GLN A 252 -31.27 -21.41 -6.45
CA GLN A 252 -31.46 -22.84 -6.19
C GLN A 252 -30.14 -23.60 -5.99
N SER A 253 -29.96 -24.20 -4.82
CA SER A 253 -28.63 -24.70 -4.45
C SER A 253 -28.07 -25.62 -5.54
N SER A 254 -26.89 -25.28 -6.04
CA SER A 254 -26.35 -25.97 -7.18
C SER A 254 -25.04 -26.70 -6.86
N ASP A 255 -24.76 -27.77 -7.60
CA ASP A 255 -23.50 -28.47 -7.39
C ASP A 255 -22.45 -28.12 -8.43
N GLY A 256 -22.79 -27.16 -9.29
CA GLY A 256 -21.84 -26.61 -10.25
C GLY A 256 -21.56 -27.55 -11.41
N THR A 257 -22.48 -28.48 -11.69
CA THR A 257 -22.34 -29.40 -12.82
C THR A 257 -23.40 -29.16 -13.90
N ASP A 258 -24.26 -28.17 -13.69
CA ASP A 258 -25.22 -27.78 -14.70
C ASP A 258 -24.50 -27.16 -15.92
N SER A 259 -25.24 -27.00 -16.99
CA SER A 259 -24.67 -26.49 -18.23
C SER A 259 -23.99 -25.11 -18.14
N LEU A 260 -24.57 -24.20 -17.37
CA LEU A 260 -24.00 -22.86 -17.27
C LEU A 260 -22.71 -22.89 -16.43
N SER A 261 -22.75 -23.60 -15.30
CA SER A 261 -21.52 -23.79 -14.53
C SER A 261 -20.42 -24.42 -15.34
N GLN A 262 -20.72 -25.49 -16.05
CA GLN A 262 -19.73 -26.10 -16.92
C GLN A 262 -19.17 -25.10 -17.91
N ALA A 263 -20.07 -24.31 -18.52
CA ALA A 263 -19.64 -23.31 -19.48
C ALA A 263 -18.69 -22.29 -18.86
N VAL A 264 -18.97 -21.80 -17.65
CA VAL A 264 -18.07 -20.80 -17.08
C VAL A 264 -16.75 -21.41 -16.63
N ASN A 265 -16.80 -22.66 -16.18
CA ASN A 265 -15.59 -23.41 -15.90
C ASN A 265 -14.76 -23.63 -17.16
N ASN A 266 -15.44 -23.92 -18.27
CA ASN A 266 -14.70 -24.14 -19.47
C ASN A 266 -14.08 -22.84 -19.93
N ALA A 267 -14.84 -21.74 -19.82
CA ALA A 267 -14.31 -20.42 -20.21
C ALA A 267 -13.09 -20.03 -19.36
N TRP A 268 -13.12 -20.36 -18.08
CA TRP A 268 -11.93 -20.24 -17.23
C TRP A 268 -10.71 -20.97 -17.83
N ASP A 269 -10.91 -22.22 -18.27
CA ASP A 269 -9.85 -23.05 -18.83
C ASP A 269 -9.41 -22.53 -20.19
N ALA A 270 -10.30 -21.84 -20.90
CA ALA A 270 -9.88 -21.19 -22.12
C ALA A 270 -9.06 -19.92 -21.85
N GLY A 271 -8.87 -19.56 -20.57
CA GLY A 271 -8.01 -18.42 -20.28
C GLY A 271 -8.67 -17.11 -19.90
N LEU A 272 -9.97 -17.12 -19.61
CA LEU A 272 -10.65 -15.91 -19.13
C LEU A 272 -10.79 -15.96 -17.60
N VAL A 273 -10.48 -14.86 -16.93
CA VAL A 273 -10.94 -14.68 -15.55
C VAL A 273 -12.45 -14.50 -15.53
N VAL A 274 -13.16 -15.45 -14.92
CA VAL A 274 -14.63 -15.35 -14.79
C VAL A 274 -15.02 -14.96 -13.37
N VAL A 275 -15.80 -13.90 -13.26
CA VAL A 275 -16.24 -13.35 -11.99
C VAL A 275 -17.75 -13.36 -11.95
N VAL A 276 -18.28 -13.97 -10.90
CA VAL A 276 -19.71 -14.30 -10.81
C VAL A 276 -20.27 -13.83 -9.46
N ALA A 277 -21.49 -13.30 -9.48
CA ALA A 277 -22.23 -12.92 -8.27
C ALA A 277 -22.58 -14.14 -7.42
N ALA A 278 -22.38 -14.06 -6.10
CA ALA A 278 -22.76 -15.15 -5.23
C ALA A 278 -24.27 -15.44 -5.24
N GLY A 279 -25.06 -14.40 -5.52
CA GLY A 279 -26.52 -14.44 -5.34
C GLY A 279 -26.99 -13.56 -4.19
N ASN A 280 -28.29 -13.26 -4.18
CA ASN A 280 -28.90 -12.41 -3.16
C ASN A 280 -29.97 -13.15 -2.33
N SER A 281 -29.76 -14.44 -2.06
CA SER A 281 -30.78 -15.23 -1.37
C SER A 281 -30.40 -15.64 0.05
N GLY A 282 -29.47 -14.91 0.67
CA GLY A 282 -29.07 -15.19 2.07
C GLY A 282 -30.06 -14.66 3.11
N PRO A 283 -29.77 -14.82 4.41
CA PRO A 283 -28.50 -15.29 4.98
C PRO A 283 -28.39 -16.80 5.10
N ASN A 284 -29.46 -17.52 4.77
CA ASN A 284 -29.46 -18.99 4.83
C ASN A 284 -28.29 -19.64 4.08
N LYS A 285 -27.76 -20.74 4.63
CA LYS A 285 -26.75 -21.54 3.96
C LYS A 285 -27.33 -22.30 2.79
N TYR A 286 -26.47 -22.76 1.88
CA TYR A 286 -26.92 -23.44 0.64
C TYR A 286 -27.83 -22.59 -0.22
N THR A 287 -27.52 -21.29 -0.31
CA THR A 287 -28.20 -20.41 -1.26
C THR A 287 -27.32 -20.00 -2.45
N VAL A 288 -26.33 -20.85 -2.76
CA VAL A 288 -25.41 -20.55 -3.84
C VAL A 288 -25.80 -21.45 -4.99
N GLY A 289 -26.24 -20.85 -6.09
CA GLY A 289 -26.80 -21.62 -7.21
C GLY A 289 -25.90 -21.52 -8.41
N SER A 290 -26.45 -21.45 -9.60
CA SER A 290 -25.63 -21.50 -10.80
C SER A 290 -25.68 -20.14 -11.46
N PRO A 291 -24.54 -19.61 -11.92
CA PRO A 291 -23.25 -20.27 -11.99
C PRO A 291 -22.34 -19.97 -10.79
N ALA A 292 -22.90 -19.44 -9.70
CA ALA A 292 -22.12 -19.11 -8.47
C ALA A 292 -21.30 -20.31 -7.99
N ALA A 293 -21.88 -21.51 -8.15
CA ALA A 293 -21.31 -22.76 -7.69
C ALA A 293 -20.16 -23.27 -8.53
N ALA A 294 -19.97 -22.73 -9.74
CA ALA A 294 -18.91 -23.27 -10.59
C ALA A 294 -17.57 -23.21 -9.82
N SER A 295 -16.88 -24.34 -9.69
CA SER A 295 -15.69 -24.43 -8.83
C SER A 295 -14.56 -23.51 -9.25
N LYS A 296 -14.32 -23.35 -10.56
CA LYS A 296 -13.13 -22.66 -11.03
C LYS A 296 -13.22 -21.14 -10.91
N VAL A 297 -14.43 -20.59 -11.06
CA VAL A 297 -14.59 -19.15 -11.19
C VAL A 297 -14.44 -18.44 -9.85
N ILE A 298 -14.32 -17.12 -9.90
CA ILE A 298 -14.39 -16.31 -8.70
C ILE A 298 -15.83 -15.91 -8.38
N THR A 299 -16.36 -16.46 -7.31
CA THR A 299 -17.71 -16.11 -6.83
C THR A 299 -17.65 -15.09 -5.69
N VAL A 300 -18.47 -14.05 -5.80
CA VAL A 300 -18.28 -12.84 -4.97
C VAL A 300 -19.50 -12.51 -4.11
N GLY A 301 -19.33 -12.47 -2.79
CA GLY A 301 -20.37 -12.02 -1.89
C GLY A 301 -20.34 -10.51 -1.69
N ALA A 302 -21.35 -9.98 -0.99
CA ALA A 302 -21.47 -8.53 -0.75
C ALA A 302 -21.32 -8.17 0.73
N VAL A 303 -20.51 -7.13 1.01
CA VAL A 303 -20.54 -6.46 2.28
C VAL A 303 -21.08 -5.04 2.13
N ASP A 304 -21.53 -4.50 3.26
CA ASP A 304 -21.91 -3.09 3.40
C ASP A 304 -20.68 -2.19 3.64
N LYS A 305 -20.91 -0.91 3.86
CA LYS A 305 -19.83 0.06 3.85
C LYS A 305 -18.96 -0.06 5.10
N TYR A 306 -19.39 -0.86 6.07
CA TYR A 306 -18.59 -1.13 7.28
C TYR A 306 -17.92 -2.51 7.25
N ASP A 307 -17.97 -3.16 6.10
CA ASP A 307 -17.33 -4.45 5.85
C ASP A 307 -18.08 -5.56 6.56
N VAL A 308 -19.36 -5.34 6.82
CA VAL A 308 -20.20 -6.38 7.36
C VAL A 308 -21.01 -7.04 6.24
N ILE A 309 -20.95 -8.36 6.18
CA ILE A 309 -21.73 -9.13 5.22
C ILE A 309 -23.21 -8.69 5.19
N THR A 310 -23.77 -8.48 4.00
CA THR A 310 -25.17 -8.04 3.95
C THR A 310 -26.10 -9.22 4.23
N ASP A 311 -27.31 -8.94 4.70
CA ASP A 311 -28.22 -10.01 5.08
C ASP A 311 -28.55 -10.79 3.80
N PHE A 312 -28.58 -10.11 2.65
CA PHE A 312 -29.08 -10.77 1.43
C PHE A 312 -28.00 -11.58 0.76
N SER A 313 -26.74 -11.26 1.05
CA SER A 313 -25.65 -11.98 0.38
C SER A 313 -25.84 -13.51 0.56
N SER A 314 -25.80 -14.24 -0.55
CA SER A 314 -25.97 -15.69 -0.47
C SER A 314 -24.81 -16.33 0.29
N ARG A 315 -25.13 -17.35 1.07
CA ARG A 315 -24.18 -18.20 1.74
C ARG A 315 -24.03 -19.54 1.02
N GLY A 316 -22.79 -20.02 0.96
CA GLY A 316 -22.51 -21.42 0.59
C GLY A 316 -22.92 -22.39 1.68
N PRO A 317 -22.44 -23.65 1.59
CA PRO A 317 -21.53 -24.11 0.56
C PRO A 317 -22.38 -24.39 -0.65
N THR A 318 -21.75 -24.86 -1.72
CA THR A 318 -22.43 -25.47 -2.86
C THR A 318 -23.24 -26.72 -2.45
N ALA A 319 -24.07 -27.23 -3.35
CA ALA A 319 -24.86 -28.44 -3.06
C ALA A 319 -23.97 -29.66 -2.75
N ASP A 320 -22.77 -29.69 -3.34
CA ASP A 320 -21.79 -30.72 -3.04
C ASP A 320 -20.74 -30.31 -1.98
N ASN A 321 -21.10 -29.34 -1.14
CA ASN A 321 -20.36 -28.96 0.05
C ASN A 321 -19.01 -28.28 -0.16
N ARG A 322 -18.86 -27.59 -1.28
CA ARG A 322 -17.65 -26.82 -1.56
C ARG A 322 -17.79 -25.38 -1.05
N LEU A 323 -16.66 -24.75 -0.74
CA LEU A 323 -16.60 -23.40 -0.21
C LEU A 323 -16.91 -22.35 -1.26
N LYS A 324 -17.97 -21.58 -1.04
CA LYS A 324 -18.36 -20.45 -1.91
C LYS A 324 -19.11 -19.48 -1.00
N PRO A 325 -18.97 -18.18 -1.23
CA PRO A 325 -18.09 -17.49 -2.15
C PRO A 325 -16.64 -17.57 -1.68
N GLU A 326 -15.69 -17.32 -2.57
CA GLU A 326 -14.29 -17.25 -2.16
C GLU A 326 -13.90 -15.89 -1.59
N VAL A 327 -14.62 -14.85 -1.99
CA VAL A 327 -14.32 -13.48 -1.53
C VAL A 327 -15.61 -12.65 -1.48
N VAL A 328 -15.53 -11.48 -0.85
CA VAL A 328 -16.68 -10.56 -0.88
C VAL A 328 -16.18 -9.17 -1.20
N ALA A 329 -17.08 -8.27 -1.62
CA ALA A 329 -16.70 -6.95 -2.13
C ALA A 329 -17.88 -6.02 -1.82
N PRO A 330 -17.65 -4.71 -1.87
CA PRO A 330 -18.79 -3.83 -1.52
C PRO A 330 -19.99 -4.04 -2.46
N GLY A 331 -21.17 -4.23 -1.89
CA GLY A 331 -22.34 -4.52 -2.71
C GLY A 331 -23.62 -3.99 -2.09
N ASN A 332 -23.50 -2.90 -1.34
CA ASN A 332 -24.65 -2.25 -0.73
C ASN A 332 -24.77 -0.79 -1.15
N TRP A 333 -25.87 -0.45 -1.83
CA TRP A 333 -26.07 0.91 -2.33
C TRP A 333 -24.83 1.54 -2.98
N ILE A 334 -24.26 0.82 -3.95
CA ILE A 334 -23.16 1.31 -4.75
C ILE A 334 -23.59 2.32 -5.80
N ILE A 335 -22.95 3.50 -5.77
CA ILE A 335 -23.22 4.53 -6.77
C ILE A 335 -22.42 4.26 -8.04
N ALA A 336 -23.11 4.15 -9.18
CA ALA A 336 -22.43 4.01 -10.46
C ALA A 336 -23.33 4.50 -11.62
N ALA A 337 -22.89 4.31 -12.86
CA ALA A 337 -23.49 4.99 -13.99
C ALA A 337 -24.98 4.66 -14.09
N ARG A 338 -25.78 5.69 -14.30
CA ARG A 338 -27.20 5.55 -14.58
C ARG A 338 -27.42 5.56 -16.09
N ALA A 339 -27.83 4.44 -16.69
CA ALA A 339 -28.07 4.41 -18.13
C ALA A 339 -29.13 5.46 -18.55
N SER A 340 -28.80 6.21 -19.60
CA SER A 340 -29.77 7.11 -20.20
C SER A 340 -31.16 6.51 -20.21
N GLY A 341 -32.11 7.18 -19.56
CA GLY A 341 -33.53 6.84 -19.64
C GLY A 341 -34.01 5.80 -18.61
N THR A 342 -33.14 5.49 -17.65
CA THR A 342 -33.42 4.44 -16.68
C THR A 342 -33.21 4.92 -15.25
N SER A 343 -33.75 4.18 -14.29
CA SER A 343 -33.77 4.64 -12.90
C SER A 343 -33.65 3.47 -11.97
N MET A 344 -32.66 2.61 -12.18
CA MET A 344 -32.49 1.45 -11.32
C MET A 344 -32.02 1.89 -9.96
N GLY A 345 -32.59 1.30 -8.91
CA GLY A 345 -32.16 1.65 -7.56
C GLY A 345 -32.63 3.04 -7.14
N GLN A 346 -31.68 3.90 -6.76
CA GLN A 346 -31.98 5.13 -6.01
C GLN A 346 -31.11 6.22 -6.61
N PRO A 347 -31.63 6.93 -7.63
CA PRO A 347 -30.94 8.03 -8.31
C PRO A 347 -30.23 9.00 -7.38
N ILE A 348 -29.03 9.39 -7.77
CA ILE A 348 -28.25 10.42 -7.10
C ILE A 348 -28.41 11.74 -7.87
N ASN A 349 -28.18 11.66 -9.18
CA ASN A 349 -28.44 12.76 -10.10
C ASN A 349 -28.75 12.18 -11.48
N ASP A 350 -28.65 13.03 -12.50
CA ASP A 350 -28.87 12.57 -13.86
C ASP A 350 -27.91 11.46 -14.33
N TYR A 351 -26.71 11.41 -13.76
CA TYR A 351 -25.69 10.56 -14.35
C TYR A 351 -25.42 9.30 -13.54
N TYR A 352 -25.88 9.29 -12.30
CA TYR A 352 -25.51 8.24 -11.37
C TYR A 352 -26.70 7.79 -10.57
N THR A 353 -26.70 6.51 -10.24
CA THR A 353 -27.70 5.94 -9.35
C THR A 353 -27.06 4.93 -8.39
N ALA A 354 -27.71 4.68 -7.25
CA ALA A 354 -27.17 3.76 -6.24
C ALA A 354 -28.00 2.48 -6.16
N ALA A 355 -27.34 1.32 -6.07
CA ALA A 355 -28.04 0.03 -5.99
C ALA A 355 -27.29 -1.00 -5.13
N PRO A 356 -28.02 -1.87 -4.45
CA PRO A 356 -27.40 -2.95 -3.69
C PRO A 356 -27.47 -4.26 -4.43
N GLY A 357 -26.45 -5.10 -4.25
CA GLY A 357 -26.53 -6.46 -4.70
C GLY A 357 -25.18 -7.11 -4.87
N THR A 358 -25.15 -8.44 -4.84
CA THR A 358 -23.92 -9.14 -5.22
C THR A 358 -23.61 -8.86 -6.67
N ALA A 359 -24.61 -8.38 -7.43
CA ALA A 359 -24.35 -7.88 -8.80
C ALA A 359 -23.43 -6.66 -8.86
N MET A 360 -23.41 -5.86 -7.79
CA MET A 360 -22.50 -4.71 -7.68
C MET A 360 -21.12 -5.09 -7.16
N ALA A 361 -21.08 -6.03 -6.22
CA ALA A 361 -19.84 -6.59 -5.73
C ALA A 361 -19.02 -7.27 -6.83
N THR A 362 -19.69 -7.98 -7.72
CA THR A 362 -19.04 -8.75 -8.78
C THR A 362 -18.10 -7.95 -9.71
N PRO A 363 -18.62 -6.86 -10.32
CA PRO A 363 -17.78 -6.05 -11.22
C PRO A 363 -16.64 -5.31 -10.45
N HIS A 364 -16.82 -5.06 -9.17
CA HIS A 364 -15.73 -4.48 -8.39
C HIS A 364 -14.52 -5.42 -8.49
N VAL A 365 -14.80 -6.71 -8.36
CA VAL A 365 -13.74 -7.73 -8.40
C VAL A 365 -13.22 -7.96 -9.82
N ALA A 366 -14.11 -7.96 -10.80
CA ALA A 366 -13.71 -8.06 -12.20
C ALA A 366 -12.73 -6.94 -12.59
N GLY A 367 -13.00 -5.72 -12.16
CA GLY A 367 -12.09 -4.63 -12.46
C GLY A 367 -10.74 -4.77 -11.78
N ILE A 368 -10.74 -5.23 -10.53
CA ILE A 368 -9.46 -5.53 -9.88
C ILE A 368 -8.70 -6.58 -10.66
N ALA A 369 -9.41 -7.58 -11.19
CA ALA A 369 -8.77 -8.61 -12.00
C ALA A 369 -8.09 -8.01 -13.22
N ALA A 370 -8.69 -6.97 -13.75
CA ALA A 370 -8.14 -6.32 -14.93
C ALA A 370 -6.86 -5.49 -14.56
N LEU A 371 -6.84 -4.89 -13.38
CA LEU A 371 -5.60 -4.27 -12.84
C LEU A 371 -4.46 -5.28 -12.80
N LEU A 372 -4.74 -6.44 -12.22
CA LEU A 372 -3.71 -7.42 -11.95
C LEU A 372 -3.13 -7.92 -13.26
N LEU A 373 -4.00 -8.02 -14.26
CA LEU A 373 -3.62 -8.55 -15.56
C LEU A 373 -2.83 -7.50 -16.36
N GLN A 374 -3.17 -6.24 -16.19
CA GLN A 374 -2.30 -5.17 -16.64
C GLN A 374 -0.93 -5.27 -15.96
N ALA A 375 -0.94 -5.42 -14.64
CA ALA A 375 0.31 -5.47 -13.87
C ALA A 375 1.12 -6.70 -14.21
N HIS A 376 0.46 -7.80 -14.54
CA HIS A 376 1.15 -9.07 -14.74
C HIS A 376 0.61 -9.78 -15.95
N PRO A 377 1.13 -9.43 -17.14
CA PRO A 377 0.54 -9.95 -18.36
C PRO A 377 0.62 -11.47 -18.41
N SER A 378 1.52 -12.07 -17.63
CA SER A 378 1.71 -13.53 -17.69
C SER A 378 0.82 -14.30 -16.71
N TRP A 379 0.14 -13.62 -15.79
CA TRP A 379 -0.71 -14.34 -14.83
C TRP A 379 -1.87 -15.07 -15.49
N THR A 380 -2.05 -16.34 -15.13
CA THR A 380 -3.26 -17.09 -15.45
C THR A 380 -4.42 -16.63 -14.58
N PRO A 381 -5.65 -17.08 -14.92
CA PRO A 381 -6.80 -16.84 -14.05
C PRO A 381 -6.60 -17.40 -12.64
N ASP A 382 -6.03 -18.60 -12.54
CA ASP A 382 -5.77 -19.19 -11.20
C ASP A 382 -4.86 -18.33 -10.36
N LYS A 383 -3.85 -17.77 -11.00
CA LYS A 383 -2.97 -16.81 -10.31
C LYS A 383 -3.68 -15.55 -9.82
N VAL A 384 -4.53 -14.97 -10.67
CA VAL A 384 -5.38 -13.85 -10.25
C VAL A 384 -6.24 -14.23 -9.03
N LYS A 385 -6.83 -15.42 -9.08
CA LYS A 385 -7.75 -15.86 -8.05
C LYS A 385 -6.99 -16.04 -6.73
N THR A 386 -5.80 -16.62 -6.83
CA THR A 386 -4.96 -16.83 -5.66
C THR A 386 -4.54 -15.53 -4.99
N ALA A 387 -4.03 -14.59 -5.77
CA ALA A 387 -3.67 -13.28 -5.24
C ALA A 387 -4.84 -12.58 -4.51
N LEU A 388 -6.02 -12.60 -5.13
CA LEU A 388 -7.26 -12.07 -4.52
C LEU A 388 -7.58 -12.74 -3.17
N ILE A 389 -7.50 -14.06 -3.14
CA ILE A 389 -7.87 -14.81 -1.95
C ILE A 389 -6.87 -14.56 -0.83
N GLU A 390 -5.59 -14.57 -1.19
CA GLU A 390 -4.52 -14.51 -0.18
C GLU A 390 -4.35 -13.11 0.38
N THR A 391 -4.66 -12.09 -0.42
CA THR A 391 -4.56 -10.72 0.05
C THR A 391 -5.86 -10.13 0.64
N ALA A 392 -6.98 -10.80 0.43
CA ALA A 392 -8.26 -10.29 0.93
C ALA A 392 -8.13 -9.96 2.42
N ASP A 393 -8.68 -8.82 2.82
CA ASP A 393 -8.67 -8.40 4.21
C ASP A 393 -9.56 -9.30 5.08
N ILE A 394 -9.03 -9.70 6.22
CA ILE A 394 -9.78 -10.56 7.13
C ILE A 394 -10.70 -9.69 8.01
N VAL A 395 -11.77 -9.20 7.42
CA VAL A 395 -12.57 -8.17 8.09
C VAL A 395 -13.40 -8.74 9.24
N LYS A 396 -13.52 -10.06 9.30
CA LYS A 396 -14.29 -10.70 10.33
C LYS A 396 -13.62 -12.03 10.70
N PRO A 397 -12.58 -11.98 11.54
CA PRO A 397 -11.70 -13.14 11.73
C PRO A 397 -12.45 -14.42 12.12
N ASP A 398 -13.45 -14.31 12.98
CA ASP A 398 -14.15 -15.52 13.44
C ASP A 398 -15.09 -16.11 12.43
N GLU A 399 -15.23 -15.50 11.26
CA GLU A 399 -16.05 -16.09 10.21
C GLU A 399 -15.28 -16.38 8.92
N ILE A 400 -13.96 -16.32 9.00
CA ILE A 400 -13.10 -16.53 7.82
C ILE A 400 -12.11 -17.66 8.11
N ALA A 401 -11.86 -18.58 7.18
CA ALA A 401 -12.65 -18.84 6.00
C ALA A 401 -13.93 -19.63 6.31
N ASP A 402 -15.01 -19.20 5.70
CA ASP A 402 -16.28 -19.90 5.76
C ASP A 402 -17.21 -19.37 4.67
N ILE A 403 -18.43 -19.88 4.67
CA ILE A 403 -19.33 -19.72 3.52
C ILE A 403 -20.16 -18.43 3.53
N ALA A 404 -19.76 -17.42 4.29
CA ALA A 404 -20.36 -16.10 4.10
C ALA A 404 -19.36 -15.08 3.55
N TYR A 405 -18.22 -14.98 4.23
CA TYR A 405 -17.13 -14.10 3.81
C TYR A 405 -16.10 -14.71 2.85
N GLY A 406 -16.12 -16.03 2.71
CA GLY A 406 -15.03 -16.70 2.03
C GLY A 406 -13.72 -16.34 2.70
N ALA A 407 -12.74 -15.86 1.91
CA ALA A 407 -11.43 -15.49 2.39
C ALA A 407 -11.36 -14.07 2.98
N GLY A 408 -12.48 -13.33 2.85
CA GLY A 408 -12.54 -11.94 3.26
C GLY A 408 -12.81 -10.98 2.12
N ARG A 409 -12.57 -9.70 2.38
CA ARG A 409 -12.99 -8.64 1.47
C ARG A 409 -11.79 -8.18 0.62
N VAL A 410 -11.97 -8.23 -0.70
CA VAL A 410 -10.84 -8.08 -1.58
C VAL A 410 -10.17 -6.72 -1.32
N ASN A 411 -8.86 -6.67 -1.49
CA ASN A 411 -8.16 -5.40 -1.30
C ASN A 411 -7.40 -5.13 -2.57
N ALA A 412 -7.83 -4.13 -3.33
CA ALA A 412 -7.30 -3.92 -4.68
C ALA A 412 -5.81 -3.53 -4.64
N TYR A 413 -5.44 -2.75 -3.62
CA TYR A 413 -4.05 -2.33 -3.46
C TYR A 413 -3.11 -3.51 -3.19
N LYS A 414 -3.49 -4.36 -2.24
CA LYS A 414 -2.64 -5.50 -1.90
C LYS A 414 -2.56 -6.50 -3.05
N ALA A 415 -3.70 -6.75 -3.68
CA ALA A 415 -3.77 -7.70 -4.79
C ALA A 415 -2.86 -7.24 -5.91
N ALA A 416 -2.88 -5.93 -6.18
CA ALA A 416 -2.19 -5.41 -7.35
C ALA A 416 -0.71 -5.37 -7.07
N TYR A 417 -0.36 -5.15 -5.81
CA TYR A 417 1.05 -5.07 -5.41
C TYR A 417 1.55 -6.35 -4.73
N TYR A 418 0.85 -7.45 -4.98
CA TYR A 418 1.19 -8.81 -4.48
C TYR A 418 2.69 -9.12 -4.45
N ASP A 419 3.41 -8.71 -5.50
CA ASP A 419 4.79 -9.17 -5.68
C ASP A 419 5.77 -8.39 -4.82
N ASN A 420 5.38 -7.20 -4.39
CA ASN A 420 6.23 -6.44 -3.49
C ASN A 420 6.27 -7.06 -2.06
N TYR A 421 5.40 -8.04 -1.81
CA TYR A 421 5.25 -8.57 -0.46
C TYR A 421 6.17 -9.76 -0.24
N ALA A 422 6.63 -9.92 0.99
CA ALA A 422 7.40 -11.13 1.35
C ALA A 422 6.50 -12.35 1.23
N LYS A 423 7.07 -13.48 0.83
CA LYS A 423 6.32 -14.72 0.74
C LYS A 423 7.07 -15.91 1.33
N LEU A 424 6.31 -16.90 1.80
CA LEU A 424 6.88 -18.14 2.29
C LEU A 424 5.93 -19.26 1.91
N THR A 425 6.47 -20.35 1.36
CA THR A 425 5.62 -21.49 1.02
C THR A 425 5.98 -22.76 1.79
N PHE A 426 5.02 -23.30 2.55
CA PHE A 426 5.20 -24.59 3.21
C PHE A 426 4.38 -25.69 2.53
N THR A 427 4.94 -26.90 2.47
CA THR A 427 4.22 -28.06 1.96
C THR A 427 4.50 -29.28 2.83
N GLY A 428 3.71 -30.33 2.64
CA GLY A 428 3.80 -31.51 3.47
C GLY A 428 2.61 -32.41 3.25
N TYR A 429 2.56 -33.46 4.05
CA TYR A 429 1.46 -34.42 4.01
C TYR A 429 0.95 -34.46 5.43
N VAL A 430 -0.36 -34.59 5.58
CA VAL A 430 -0.92 -34.90 6.86
C VAL A 430 -1.69 -36.21 6.74
N SER A 431 -1.51 -37.12 7.69
CA SER A 431 -2.38 -38.29 7.77
C SER A 431 -3.69 -37.94 8.45
N ASN A 432 -4.68 -38.80 8.27
CA ASN A 432 -5.98 -38.68 8.91
C ASN A 432 -5.88 -38.35 10.39
N LYS A 433 -6.25 -37.12 10.76
CA LYS A 433 -6.25 -36.66 12.13
C LYS A 433 -4.87 -36.30 12.66
N GLY A 434 -3.83 -36.32 11.83
CA GLY A 434 -2.56 -35.72 12.23
C GLY A 434 -2.41 -34.22 11.98
N SER A 435 -1.24 -33.70 12.35
CA SER A 435 -0.95 -32.30 12.13
C SER A 435 0.48 -32.10 11.67
N GLN A 436 0.76 -30.92 11.13
CA GLN A 436 2.12 -30.48 10.91
C GLN A 436 2.16 -29.04 11.34
N SER A 437 3.27 -28.64 11.95
CA SER A 437 3.55 -27.22 12.20
C SER A 437 4.77 -26.66 11.47
N HIS A 438 4.76 -25.34 11.28
CA HIS A 438 5.83 -24.65 10.59
C HIS A 438 6.01 -23.32 11.30
N GLN A 439 7.23 -23.08 11.75
CA GLN A 439 7.55 -21.80 12.31
C GLN A 439 8.02 -20.83 11.24
N PHE A 440 7.69 -19.56 11.44
CA PHE A 440 8.29 -18.49 10.65
C PHE A 440 8.53 -17.25 11.52
N THR A 441 9.58 -16.50 11.17
CA THR A 441 9.86 -15.23 11.83
C THR A 441 9.32 -14.07 11.02
N ILE A 442 8.89 -13.04 11.72
CA ILE A 442 8.34 -11.85 11.10
C ILE A 442 8.79 -10.63 11.88
N SER A 443 9.07 -9.53 11.17
CA SER A 443 9.13 -8.23 11.81
C SER A 443 8.72 -7.09 10.89
N GLY A 444 8.39 -5.97 11.52
CA GLY A 444 7.99 -4.76 10.82
C GLY A 444 6.71 -4.90 10.03
N ALA A 445 5.85 -5.84 10.43
CA ALA A 445 4.69 -6.12 9.59
C ALA A 445 3.42 -5.38 10.03
N GLY A 446 2.72 -4.82 9.05
CA GLY A 446 1.36 -4.41 9.26
C GLY A 446 0.38 -5.55 9.08
N PHE A 447 0.72 -6.54 8.28
CA PHE A 447 -0.14 -7.69 8.15
C PHE A 447 0.60 -8.97 7.81
N VAL A 448 -0.01 -10.09 8.16
CA VAL A 448 0.43 -11.38 7.64
C VAL A 448 -0.84 -12.18 7.36
N THR A 449 -0.86 -12.90 6.24
CA THR A 449 -1.88 -13.91 6.00
C THR A 449 -1.24 -15.24 5.67
N ALA A 450 -1.97 -16.32 5.91
CA ALA A 450 -1.51 -17.65 5.54
C ALA A 450 -2.71 -18.38 4.99
N THR A 451 -2.54 -18.96 3.81
CA THR A 451 -3.65 -19.55 3.10
C THR A 451 -3.31 -20.98 2.74
N LEU A 452 -4.21 -21.90 3.07
CA LEU A 452 -3.93 -23.34 3.04
C LEU A 452 -4.73 -23.97 1.89
N TYR A 453 -4.03 -24.71 1.02
CA TYR A 453 -4.67 -25.56 0.03
C TYR A 453 -4.25 -26.99 0.25
N TRP A 454 -5.04 -27.94 -0.28
CA TRP A 454 -4.66 -29.35 -0.29
C TRP A 454 -5.34 -30.13 -1.41
N ASP A 455 -4.79 -31.29 -1.71
CA ASP A 455 -5.25 -32.06 -2.86
C ASP A 455 -6.52 -32.85 -2.63
N ASN A 456 -6.65 -33.47 -1.48
CA ASN A 456 -7.73 -34.43 -1.30
C ASN A 456 -9.06 -33.70 -0.97
N SER A 457 -9.95 -33.57 -1.96
CA SER A 457 -11.19 -32.81 -1.78
C SER A 457 -12.15 -33.51 -0.83
N GLY A 458 -11.91 -34.78 -0.55
CA GLY A 458 -12.68 -35.54 0.42
C GLY A 458 -12.22 -35.27 1.84
N SER A 459 -11.13 -34.52 1.98
CA SER A 459 -10.53 -34.33 3.31
C SER A 459 -10.77 -32.92 3.84
N ASP A 460 -11.03 -32.82 5.14
CA ASP A 460 -11.23 -31.54 5.80
C ASP A 460 -10.00 -31.18 6.66
N LEU A 461 -9.21 -30.23 6.18
CA LEU A 461 -8.06 -29.74 6.95
C LEU A 461 -8.41 -28.36 7.50
N ASP A 462 -7.86 -28.04 8.66
CA ASP A 462 -8.07 -26.76 9.32
C ASP A 462 -6.71 -26.11 9.55
N LEU A 463 -6.70 -24.81 9.84
CA LEU A 463 -5.49 -24.01 9.84
C LEU A 463 -5.50 -23.16 11.11
N TYR A 464 -4.38 -23.13 11.82
CA TYR A 464 -4.28 -22.37 13.06
C TYR A 464 -3.02 -21.51 13.08
N LEU A 465 -3.13 -20.34 13.71
CA LEU A 465 -2.04 -19.37 13.72
C LEU A 465 -1.71 -18.97 15.17
N TYR A 466 -0.43 -19.01 15.52
CA TYR A 466 0.02 -18.85 16.92
C TYR A 466 1.05 -17.73 16.99
N ASP A 467 0.90 -16.84 17.97
CA ASP A 467 1.83 -15.74 18.19
C ASP A 467 3.12 -16.20 18.85
N PRO A 468 4.08 -15.28 19.04
CA PRO A 468 5.35 -15.73 19.60
C PRO A 468 5.26 -16.24 21.05
N ASN A 469 4.14 -15.98 21.74
CA ASN A 469 3.92 -16.62 23.05
C ASN A 469 3.44 -18.05 22.88
N GLY A 470 3.12 -18.43 21.66
CA GLY A 470 2.55 -19.76 21.40
C GLY A 470 1.04 -19.80 21.56
N ASN A 471 0.39 -18.64 21.64
CA ASN A 471 -1.07 -18.60 21.78
C ASN A 471 -1.78 -18.42 20.45
N GLN A 472 -2.87 -19.17 20.26
CA GLN A 472 -3.69 -19.10 19.06
C GLN A 472 -4.36 -17.71 18.93
N VAL A 473 -4.09 -17.01 17.83
CA VAL A 473 -4.70 -15.69 17.60
C VAL A 473 -5.66 -15.69 16.40
N ASP A 474 -5.66 -16.79 15.64
CA ASP A 474 -6.65 -16.98 14.57
C ASP A 474 -6.74 -18.47 14.21
N TYR A 475 -7.88 -18.88 13.67
CA TYR A 475 -8.08 -20.26 13.26
C TYR A 475 -8.95 -20.15 12.01
N SER A 476 -9.05 -21.23 11.27
CA SER A 476 -9.89 -21.22 10.07
C SER A 476 -10.29 -22.65 9.91
N TYR A 477 -11.55 -22.93 10.22
CA TYR A 477 -11.98 -24.32 10.24
C TYR A 477 -13.32 -24.62 9.62
N THR A 478 -13.55 -24.14 8.40
CA THR A 478 -14.77 -24.50 7.72
C THR A 478 -14.85 -26.02 7.45
N ALA A 479 -16.07 -26.55 7.35
CA ALA A 479 -16.27 -27.95 7.02
C ALA A 479 -16.20 -28.12 5.49
N TYR A 480 -16.21 -27.01 4.76
CA TYR A 480 -16.53 -27.08 3.33
C TYR A 480 -15.27 -26.83 2.49
N TYR A 481 -14.94 -27.77 1.61
CA TYR A 481 -13.63 -27.85 0.98
C TYR A 481 -13.35 -26.69 0.00
N GLY A 482 -12.18 -26.08 0.13
CA GLY A 482 -11.68 -25.14 -0.89
C GLY A 482 -10.33 -24.56 -0.50
N PHE A 483 -10.27 -24.04 0.72
CA PHE A 483 -9.04 -23.50 1.31
C PHE A 483 -9.34 -23.10 2.75
N GLU A 484 -8.29 -22.80 3.52
CA GLU A 484 -8.43 -22.13 4.81
C GLU A 484 -7.54 -20.88 4.84
N LYS A 485 -7.90 -19.93 5.70
CA LYS A 485 -7.32 -18.59 5.66
C LYS A 485 -7.17 -17.98 7.05
N VAL A 486 -5.94 -17.73 7.46
CA VAL A 486 -5.72 -17.06 8.72
C VAL A 486 -4.85 -15.85 8.53
N GLY A 487 -4.72 -15.04 9.59
CA GLY A 487 -3.79 -13.94 9.57
C GLY A 487 -4.01 -12.98 10.71
N TYR A 488 -3.19 -11.92 10.75
CA TYR A 488 -3.19 -10.95 11.84
C TYR A 488 -2.66 -9.58 11.37
N TYR A 489 -3.20 -8.51 11.96
CA TYR A 489 -2.76 -7.15 11.65
C TYR A 489 -1.84 -6.65 12.77
N ASN A 490 -0.78 -5.94 12.40
CA ASN A 490 0.26 -5.53 13.35
C ASN A 490 0.72 -6.69 14.20
N PRO A 491 1.10 -7.81 13.55
CA PRO A 491 1.63 -8.95 14.30
C PRO A 491 2.94 -8.54 14.99
N THR A 492 3.02 -8.77 16.30
CA THR A 492 4.27 -8.46 17.00
C THR A 492 5.42 -9.30 16.44
N ALA A 493 6.58 -8.67 16.26
CA ALA A 493 7.75 -9.33 15.67
C ALA A 493 8.16 -10.54 16.51
N GLY A 494 8.65 -11.58 15.86
CA GLY A 494 9.11 -12.78 16.58
C GLY A 494 8.82 -14.01 15.76
N THR A 495 8.85 -15.16 16.42
CA THR A 495 8.66 -16.45 15.75
C THR A 495 7.22 -16.90 15.90
N TRP A 496 6.50 -17.00 14.77
CA TRP A 496 5.10 -17.40 14.75
C TRP A 496 5.01 -18.83 14.26
N THR A 497 3.88 -19.48 14.51
CA THR A 497 3.69 -20.85 14.09
C THR A 497 2.40 -20.96 13.31
N ILE A 498 2.43 -21.62 12.15
CA ILE A 498 1.19 -22.13 11.57
C ILE A 498 1.06 -23.61 11.83
N LYS A 499 -0.16 -24.06 12.12
CA LYS A 499 -0.42 -25.49 12.24
C LYS A 499 -1.49 -25.97 11.29
N VAL A 500 -1.19 -27.04 10.57
CA VAL A 500 -2.12 -27.64 9.63
C VAL A 500 -2.66 -28.93 10.24
N VAL A 501 -3.96 -28.96 10.47
CA VAL A 501 -4.57 -30.03 11.20
C VAL A 501 -5.61 -30.73 10.31
N SER A 502 -5.48 -32.05 10.23
CA SER A 502 -6.51 -32.88 9.64
C SER A 502 -7.65 -33.06 10.61
N TYR A 503 -8.78 -32.43 10.31
CA TYR A 503 -10.00 -32.71 11.06
C TYR A 503 -10.48 -34.10 10.66
N SER A 504 -10.41 -34.41 9.37
CA SER A 504 -10.80 -35.71 8.86
C SER A 504 -10.10 -35.94 7.51
N GLY A 505 -9.36 -37.05 7.39
CA GLY A 505 -8.80 -37.41 6.09
C GLY A 505 -7.39 -36.86 5.87
N SER A 506 -6.64 -37.52 5.00
CA SER A 506 -5.27 -37.16 4.74
C SER A 506 -5.23 -36.33 3.48
N ALA A 507 -4.12 -35.63 3.27
CA ALA A 507 -3.91 -34.83 2.09
C ALA A 507 -2.45 -34.37 2.03
N ASN A 508 -2.00 -34.07 0.83
CA ASN A 508 -0.85 -33.19 0.62
C ASN A 508 -1.32 -31.74 0.62
N TYR A 509 -0.56 -30.85 1.25
CA TYR A 509 -1.03 -29.50 1.44
C TYR A 509 0.04 -28.50 1.07
N GLN A 510 -0.38 -27.25 0.89
CA GLN A 510 0.51 -26.13 0.66
C GLN A 510 -0.04 -24.90 1.40
N VAL A 511 0.82 -24.19 2.10
CA VAL A 511 0.40 -22.97 2.80
C VAL A 511 1.23 -21.83 2.26
N ASP A 512 0.57 -20.82 1.73
CA ASP A 512 1.26 -19.58 1.35
C ASP A 512 1.13 -18.55 2.45
N VAL A 513 2.29 -18.08 2.92
CA VAL A 513 2.35 -16.98 3.84
C VAL A 513 2.74 -15.73 3.10
N VAL A 514 2.01 -14.64 3.37
CA VAL A 514 2.25 -13.36 2.70
C VAL A 514 2.27 -12.27 3.75
N SER A 515 3.23 -11.36 3.65
CA SER A 515 3.36 -10.27 4.59
C SER A 515 3.99 -9.05 3.93
N ASP A 516 3.64 -7.86 4.43
CA ASP A 516 4.40 -6.65 4.14
C ASP A 516 5.65 -6.43 5.04
N GLY A 517 5.92 -7.34 5.97
CA GLY A 517 7.09 -7.22 6.83
C GLY A 517 8.27 -8.00 6.25
N SER A 518 9.30 -8.28 7.05
CA SER A 518 10.27 -9.31 6.61
C SER A 518 9.86 -10.69 7.14
N LEU A 519 9.96 -11.71 6.29
CA LEU A 519 9.56 -13.07 6.62
C LEU A 519 10.78 -14.00 6.59
N GLY A 520 10.96 -14.80 7.64
CA GLY A 520 12.07 -15.75 7.66
C GLY A 520 11.73 -17.12 8.25
N GLN A 521 12.77 -17.91 8.49
CA GLN A 521 12.66 -19.12 9.30
C GLN A 521 13.66 -19.10 10.43
N PRO A 522 13.31 -19.70 11.58
CA PRO A 522 14.16 -19.63 12.79
C PRO A 522 15.43 -20.49 12.70
N LYS B 4 41.78 16.31 23.96
CA LYS B 4 40.96 15.85 22.85
C LYS B 4 41.52 14.55 22.30
N PRO B 5 40.72 13.51 22.34
CA PRO B 5 41.28 12.17 22.25
C PRO B 5 41.42 11.74 20.80
N ALA B 6 42.26 10.76 20.55
CA ALA B 6 42.44 10.21 19.21
C ALA B 6 41.09 9.92 18.56
N VAL B 7 40.88 10.48 17.38
CA VAL B 7 39.71 10.17 16.57
C VAL B 7 39.89 8.78 15.95
N ARG B 8 38.85 7.97 16.03
CA ARG B 8 38.72 6.78 15.20
C ARG B 8 38.99 7.14 13.74
N ASN B 9 39.96 6.44 13.13
CA ASN B 9 40.20 6.58 11.69
C ASN B 9 39.13 5.88 10.90
N VAL B 10 38.68 6.53 9.83
CA VAL B 10 37.53 6.05 9.10
C VAL B 10 37.69 6.21 7.59
N SER B 11 36.92 5.41 6.87
CA SER B 11 37.18 5.15 5.47
C SER B 11 35.89 4.61 4.90
N GLN B 12 35.58 5.03 3.68
CA GLN B 12 34.50 4.43 2.90
C GLN B 12 34.69 2.93 2.67
N GLN B 13 33.70 2.15 3.09
CA GLN B 13 33.75 0.71 2.97
C GLN B 13 33.83 0.33 1.49
N LYS B 14 34.61 -0.70 1.16
CA LYS B 14 34.68 -1.16 -0.23
C LYS B 14 33.72 -2.31 -0.49
N ASN B 15 33.22 -2.38 -1.71
CA ASN B 15 32.13 -3.27 -2.05
C ASN B 15 32.66 -4.65 -2.46
N TYR B 16 31.74 -5.61 -2.53
CA TYR B 16 32.05 -6.93 -3.07
C TYR B 16 31.38 -7.02 -4.44
N GLY B 17 32.16 -6.96 -5.50
CA GLY B 17 31.59 -6.60 -6.78
C GLY B 17 30.76 -5.32 -6.63
N LEU B 18 29.46 -5.39 -6.93
CA LEU B 18 28.63 -4.21 -6.86
C LEU B 18 27.89 -4.08 -5.54
N LEU B 19 28.02 -5.07 -4.67
CA LEU B 19 27.22 -5.13 -3.45
C LEU B 19 27.97 -4.44 -2.30
N THR B 20 27.22 -3.85 -1.37
CA THR B 20 27.82 -3.32 -0.14
C THR B 20 28.24 -4.49 0.76
N PRO B 21 29.18 -4.24 1.70
CA PRO B 21 29.51 -5.29 2.66
C PRO B 21 28.27 -5.91 3.28
N GLY B 22 27.31 -5.04 3.64
CA GLY B 22 26.12 -5.47 4.36
C GLY B 22 25.24 -6.39 3.55
N LEU B 23 25.04 -6.04 2.27
CA LEU B 23 24.25 -6.86 1.38
C LEU B 23 24.98 -8.16 1.03
N PHE B 24 26.28 -8.05 0.78
CA PHE B 24 27.09 -9.24 0.53
C PHE B 24 27.00 -10.26 1.68
N LYS B 25 27.19 -9.80 2.92
CA LYS B 25 27.15 -10.69 4.07
C LYS B 25 25.74 -11.28 4.26
N LYS B 26 24.71 -10.47 4.11
CA LYS B 26 23.34 -10.98 4.18
C LYS B 26 23.07 -12.13 3.18
N VAL B 27 23.48 -11.98 1.92
CA VAL B 27 23.20 -13.02 0.96
C VAL B 27 24.05 -14.27 1.06
N GLN B 28 25.16 -14.22 1.82
CA GLN B 28 26.02 -15.38 2.02
C GLN B 28 25.16 -16.48 2.61
N ARG B 29 24.30 -16.11 3.56
CA ARG B 29 23.47 -17.07 4.26
C ARG B 29 22.11 -17.31 3.60
N MET B 30 21.92 -16.83 2.38
CA MET B 30 20.61 -16.99 1.77
C MET B 30 20.61 -18.00 0.61
N SER B 31 19.46 -18.63 0.40
CA SER B 31 19.32 -19.64 -0.61
C SER B 31 19.20 -18.99 -2.00
N TRP B 32 19.72 -19.67 -3.03
CA TRP B 32 19.92 -19.10 -4.36
C TRP B 32 18.62 -18.54 -4.95
N ASP B 33 17.51 -19.14 -4.59
CA ASP B 33 16.22 -18.72 -5.16
C ASP B 33 15.38 -17.90 -4.19
N GLN B 34 15.94 -17.56 -3.05
CA GLN B 34 15.31 -16.60 -2.13
C GLN B 34 15.37 -15.22 -2.75
N GLU B 35 14.31 -14.44 -2.61
CA GLU B 35 14.32 -13.09 -3.15
C GLU B 35 14.80 -12.11 -2.09
N VAL B 36 15.63 -11.17 -2.50
CA VAL B 36 16.10 -10.14 -1.58
C VAL B 36 15.74 -8.75 -2.12
N SER B 37 15.33 -7.88 -1.20
CA SER B 37 15.02 -6.50 -1.52
C SER B 37 16.27 -5.63 -1.53
N THR B 38 16.45 -4.87 -2.60
CA THR B 38 17.66 -4.09 -2.77
C THR B 38 17.33 -2.68 -3.26
N ILE B 39 18.35 -1.82 -3.22
CA ILE B 39 18.35 -0.62 -4.03
C ILE B 39 19.62 -0.55 -4.88
N ILE B 40 19.47 -0.31 -6.17
CA ILE B 40 20.60 -0.23 -7.08
C ILE B 40 20.78 1.24 -7.41
N MET B 41 21.86 1.81 -6.90
CA MET B 41 22.19 3.22 -7.16
C MET B 41 23.08 3.29 -8.40
N PHE B 42 22.62 4.02 -9.41
CA PHE B 42 23.40 4.19 -10.65
C PHE B 42 24.22 5.46 -10.62
N ASP B 43 25.13 5.62 -11.58
CA ASP B 43 25.91 6.88 -11.69
C ASP B 43 25.06 8.00 -12.31
N ASN B 44 24.04 7.62 -13.07
CA ASN B 44 23.14 8.58 -13.69
C ASN B 44 21.87 7.92 -14.24
N GLN B 45 20.94 8.75 -14.71
CA GLN B 45 19.58 8.31 -14.99
C GLN B 45 19.57 7.43 -16.22
N ALA B 46 20.47 7.71 -17.17
CA ALA B 46 20.56 6.92 -18.40
C ALA B 46 20.94 5.47 -18.09
N ASP B 47 21.94 5.30 -17.25
CA ASP B 47 22.36 3.97 -16.84
C ASP B 47 21.29 3.26 -16.01
N LYS B 48 20.55 4.03 -15.21
CA LYS B 48 19.39 3.49 -14.52
C LYS B 48 18.34 2.91 -15.49
N GLU B 49 17.87 3.71 -16.44
CA GLU B 49 16.82 3.21 -17.34
C GLU B 49 17.34 2.25 -18.42
N LYS B 50 18.63 2.28 -18.67
CA LYS B 50 19.29 1.24 -19.45
C LYS B 50 19.07 -0.12 -18.77
N ALA B 51 19.20 -0.14 -17.45
CA ALA B 51 19.16 -1.38 -16.67
C ALA B 51 17.76 -1.98 -16.50
N VAL B 52 16.72 -1.22 -16.85
CA VAL B 52 15.36 -1.69 -16.61
C VAL B 52 14.99 -2.96 -17.39
N GLU B 53 15.49 -3.07 -18.61
CA GLU B 53 15.05 -4.16 -19.46
C GLU B 53 15.85 -5.43 -19.20
N ILE B 54 17.10 -5.26 -18.79
CA ILE B 54 17.89 -6.40 -18.32
C ILE B 54 17.31 -7.01 -17.05
N LEU B 55 16.77 -6.17 -16.16
CA LEU B 55 16.18 -6.67 -14.94
C LEU B 55 14.83 -7.34 -15.22
N ASP B 56 14.09 -6.76 -16.17
CA ASP B 56 12.81 -7.32 -16.56
C ASP B 56 13.01 -8.64 -17.26
N PHE B 57 13.97 -8.69 -18.19
CA PHE B 57 14.32 -9.95 -18.85
C PHE B 57 14.60 -11.05 -17.81
N LEU B 58 15.30 -10.70 -16.73
CA LEU B 58 15.67 -11.66 -15.70
C LEU B 58 14.48 -11.97 -14.79
N GLY B 59 13.45 -11.15 -14.84
CA GLY B 59 12.29 -11.35 -13.98
C GLY B 59 12.45 -10.85 -12.54
N ALA B 60 13.40 -9.95 -12.31
CA ALA B 60 13.46 -9.20 -11.05
C ALA B 60 12.28 -8.21 -11.00
N LYS B 61 11.82 -7.89 -9.80
CA LYS B 61 10.66 -7.02 -9.64
C LYS B 61 11.06 -5.61 -9.24
N ILE B 62 10.93 -4.68 -10.18
CA ILE B 62 11.17 -3.26 -9.94
C ILE B 62 10.03 -2.65 -9.15
N LYS B 63 10.29 -2.37 -7.87
CA LYS B 63 9.29 -1.83 -6.95
C LYS B 63 9.11 -0.31 -7.14
N TYR B 64 10.23 0.40 -7.26
CA TYR B 64 10.17 1.84 -7.54
C TYR B 64 11.28 2.19 -8.50
N ASN B 65 10.98 3.15 -9.36
CA ASN B 65 11.94 3.67 -10.30
C ASN B 65 11.99 5.17 -10.09
N TYR B 66 13.06 5.66 -9.46
CA TYR B 66 13.08 7.01 -8.91
C TYR B 66 13.41 8.11 -9.94
N HIS B 67 12.93 9.32 -9.67
CA HIS B 67 13.43 10.53 -10.33
C HIS B 67 14.49 11.24 -9.48
N ILE B 68 14.27 11.29 -8.17
CA ILE B 68 15.10 12.11 -7.28
C ILE B 68 16.52 11.55 -7.11
N ILE B 69 16.69 10.26 -7.37
CA ILE B 69 18.04 9.68 -7.46
C ILE B 69 18.05 8.76 -8.67
N PRO B 70 19.24 8.50 -9.22
CA PRO B 70 19.27 7.57 -10.34
C PRO B 70 19.30 6.13 -9.84
N ALA B 71 18.17 5.63 -9.34
CA ALA B 71 18.14 4.37 -8.60
C ALA B 71 16.87 3.58 -8.87
N LEU B 72 16.97 2.27 -8.71
CA LEU B 72 15.81 1.41 -8.75
C LEU B 72 15.79 0.62 -7.44
N ALA B 73 14.60 0.49 -6.85
CA ALA B 73 14.37 -0.43 -5.75
C ALA B 73 13.90 -1.75 -6.36
N VAL B 74 14.65 -2.82 -6.08
CA VAL B 74 14.47 -4.09 -6.80
C VAL B 74 14.41 -5.28 -5.88
N LYS B 75 13.39 -6.10 -6.07
CA LYS B 75 13.33 -7.43 -5.48
C LYS B 75 13.85 -8.47 -6.46
N ILE B 76 14.85 -9.23 -6.03
CA ILE B 76 15.67 -10.02 -6.96
C ILE B 76 16.14 -11.31 -6.29
N LYS B 77 16.11 -12.42 -7.03
CA LYS B 77 16.61 -13.71 -6.52
C LYS B 77 18.10 -13.60 -6.26
N VAL B 78 18.54 -14.14 -5.13
CA VAL B 78 19.97 -14.19 -4.83
C VAL B 78 20.82 -14.61 -6.02
N LYS B 79 20.41 -15.64 -6.75
CA LYS B 79 21.24 -16.08 -7.89
C LYS B 79 21.45 -14.96 -8.89
N ASP B 80 20.40 -14.20 -9.17
CA ASP B 80 20.46 -13.13 -10.18
C ASP B 80 21.22 -11.90 -9.64
N LEU B 81 21.14 -11.71 -8.33
CA LEU B 81 21.83 -10.62 -7.68
C LEU B 81 23.34 -10.86 -7.74
N LEU B 82 23.78 -12.10 -7.48
CA LEU B 82 25.19 -12.43 -7.61
C LEU B 82 25.70 -12.30 -9.06
N ILE B 83 24.86 -12.63 -10.01
CA ILE B 83 25.23 -12.46 -11.42
C ILE B 83 25.44 -10.99 -11.77
N ILE B 84 24.40 -10.16 -11.59
CA ILE B 84 24.53 -8.74 -11.88
C ILE B 84 25.54 -8.00 -10.99
N ALA B 85 25.89 -8.56 -9.85
CA ALA B 85 26.87 -7.89 -9.01
C ALA B 85 28.30 -8.14 -9.51
N GLY B 86 28.42 -9.01 -10.51
CA GLY B 86 29.73 -9.39 -11.07
C GLY B 86 30.39 -10.49 -10.27
N LEU B 87 29.63 -11.16 -9.41
CA LEU B 87 30.22 -12.10 -8.47
C LEU B 87 30.13 -13.55 -8.95
N MET B 88 29.65 -13.76 -10.18
CA MET B 88 29.49 -15.11 -10.74
C MET B 88 29.95 -15.17 -12.20
N ASP B 89 31.26 -15.03 -12.43
CA ASP B 89 31.79 -14.64 -13.75
C ASP B 89 32.59 -15.72 -14.51
N ALA B 96 28.54 -9.60 -17.79
CA ALA B 96 28.23 -10.07 -16.45
C ALA B 96 27.69 -8.94 -15.55
N GLN B 97 28.63 -8.21 -14.94
CA GLN B 97 28.34 -7.12 -14.00
C GLN B 97 27.55 -5.98 -14.65
N LEU B 98 26.45 -5.57 -14.02
CA LEU B 98 25.65 -4.43 -14.50
C LEU B 98 26.52 -3.16 -14.70
N SER B 99 26.27 -2.41 -15.77
CA SER B 99 27.02 -1.18 -16.02
C SER B 99 26.45 0.04 -15.31
N GLY B 100 27.34 0.95 -14.95
CA GLY B 100 26.93 2.27 -14.49
C GLY B 100 26.53 2.29 -13.02
N VAL B 101 26.93 1.27 -12.26
CA VAL B 101 26.39 1.06 -10.92
C VAL B 101 27.38 1.50 -9.82
N GLN B 102 26.93 2.38 -8.93
CA GLN B 102 27.76 2.80 -7.80
C GLN B 102 27.79 1.72 -6.73
N PHE B 103 26.63 1.16 -6.41
CA PHE B 103 26.51 0.10 -5.42
C PHE B 103 25.08 -0.38 -5.45
N ILE B 104 24.89 -1.59 -4.94
CA ILE B 104 23.60 -2.13 -4.67
C ILE B 104 23.59 -2.35 -3.17
N GLN B 105 22.63 -1.74 -2.48
CA GLN B 105 22.55 -1.83 -1.03
C GLN B 105 21.35 -2.67 -0.62
N GLU B 106 21.34 -3.10 0.63
CA GLU B 106 20.15 -3.67 1.18
C GLU B 106 19.05 -2.60 1.30
N ASP B 107 17.82 -3.02 1.06
CA ASP B 107 16.66 -2.16 1.32
C ASP B 107 16.27 -2.28 2.79
N TYR B 108 16.91 -1.50 3.65
CA TYR B 108 16.88 -1.64 5.12
C TYR B 108 15.49 -1.35 5.67
N VAL B 109 15.27 -1.80 6.89
CA VAL B 109 14.07 -1.44 7.65
C VAL B 109 14.27 -0.10 8.33
N VAL B 110 13.20 0.67 8.43
CA VAL B 110 13.27 2.01 9.00
C VAL B 110 12.10 2.15 9.96
N LYS B 111 12.25 3.03 10.92
CA LYS B 111 11.28 3.15 11.97
C LYS B 111 11.13 4.58 12.44
N VAL B 112 9.77 4.71 12.94
CA VAL B 112 9.47 5.88 13.73
C VAL B 112 10.47 6.17 14.87
N ALA B 113 10.95 7.40 14.93
CA ALA B 113 11.92 7.83 15.93
C ALA B 113 11.26 8.36 17.20
N VAL B 114 10.27 7.63 17.69
CA VAL B 114 9.74 7.81 19.02
C VAL B 114 10.15 6.68 19.99
N GLU B 115 10.34 7.05 21.24
CA GLU B 115 10.51 6.11 22.32
C GLU B 115 9.24 5.35 22.64
N THR B 116 9.35 4.03 22.69
CA THR B 116 8.21 3.14 22.82
C THR B 116 7.74 2.98 24.26
N ALA B 123 6.13 12.42 33.31
CA ALA B 123 4.88 13.14 33.53
C ALA B 123 5.07 14.38 34.39
N ALA B 124 6.08 14.33 35.25
CA ALA B 124 6.70 15.51 35.78
C ALA B 124 7.58 16.17 34.72
N GLN B 125 7.30 15.86 33.47
CA GLN B 125 8.17 16.32 32.40
C GLN B 125 7.39 16.63 31.12
N VAL B 126 6.09 16.42 31.13
CA VAL B 126 5.25 16.77 29.97
C VAL B 126 5.33 18.26 29.66
N MET B 127 5.40 18.60 28.39
CA MET B 127 5.55 19.98 27.96
C MET B 127 4.96 20.22 26.56
N ALA B 128 4.51 21.45 26.32
CA ALA B 128 4.06 21.89 25.01
C ALA B 128 5.25 22.18 24.11
N THR B 129 5.06 22.17 22.78
CA THR B 129 6.17 22.42 21.89
C THR B 129 6.58 23.89 21.77
N ASN B 130 5.64 24.79 21.98
CA ASN B 130 5.80 26.17 21.53
C ASN B 130 5.64 27.18 22.65
N MET B 131 6.75 27.79 23.04
CA MET B 131 6.78 28.63 24.24
C MET B 131 6.84 30.12 23.85
N TRP B 132 6.83 30.40 22.54
CA TRP B 132 7.02 31.75 22.06
C TRP B 132 5.72 32.41 21.65
N ASN B 133 5.80 33.72 21.47
CA ASN B 133 4.72 34.50 20.93
C ASN B 133 5.29 35.27 19.74
N LEU B 134 5.30 34.65 18.57
CA LEU B 134 5.90 35.29 17.40
C LEU B 134 4.80 35.94 16.58
N GLY B 135 5.20 36.82 15.66
CA GLY B 135 4.25 37.50 14.79
C GLY B 135 4.08 36.80 13.45
N TYR B 136 4.74 35.66 13.29
CA TYR B 136 4.55 34.83 12.10
C TYR B 136 4.15 33.44 12.56
N ASP B 137 3.41 32.73 11.72
CA ASP B 137 2.88 31.41 12.11
C ASP B 137 2.93 30.39 10.97
N GLY B 138 3.63 30.72 9.89
CA GLY B 138 3.79 29.81 8.74
C GLY B 138 2.68 29.86 7.70
N SER B 139 1.88 30.92 7.74
CA SER B 139 0.82 31.12 6.75
C SER B 139 1.40 31.10 5.34
N GLY B 140 0.69 30.43 4.45
CA GLY B 140 1.10 30.36 3.05
C GLY B 140 2.15 29.32 2.75
N ILE B 141 2.71 28.68 3.78
CA ILE B 141 3.75 27.65 3.61
C ILE B 141 3.19 26.24 3.87
N THR B 142 3.62 25.27 3.07
CA THR B 142 3.16 23.89 3.19
C THR B 142 4.31 22.97 3.62
N ILE B 143 4.05 22.16 4.64
CA ILE B 143 5.01 21.20 5.16
C ILE B 143 4.52 19.78 4.82
N GLY B 144 5.37 18.99 4.14
CA GLY B 144 5.06 17.58 3.94
C GLY B 144 5.46 16.74 5.14
N ILE B 145 4.54 15.90 5.62
CA ILE B 145 4.82 14.99 6.73
C ILE B 145 4.91 13.55 6.20
N ILE B 146 6.14 13.06 6.12
CA ILE B 146 6.44 11.74 5.59
C ILE B 146 6.57 10.68 6.66
N ASP B 147 5.47 9.99 6.94
CA ASP B 147 5.27 9.34 8.24
C ASP B 147 4.07 8.39 8.11
N THR B 148 3.42 8.07 9.23
CA THR B 148 2.33 7.08 9.26
C THR B 148 0.99 7.58 8.75
N GLY B 149 0.94 8.84 8.39
CA GLY B 149 -0.30 9.46 7.97
C GLY B 149 -0.63 10.66 8.82
N ILE B 150 -1.85 11.16 8.66
CA ILE B 150 -2.35 12.25 9.46
C ILE B 150 -3.83 12.04 9.68
N ASP B 151 -4.26 12.06 10.94
CA ASP B 151 -5.70 12.20 11.24
C ASP B 151 -6.20 13.58 10.95
N ALA B 152 -6.70 13.79 9.73
CA ALA B 152 -7.13 15.08 9.27
C ALA B 152 -8.43 15.53 9.91
N SER B 153 -9.11 14.63 10.60
CA SER B 153 -10.35 14.96 11.31
C SER B 153 -10.09 15.58 12.67
N HIS B 154 -8.86 15.53 13.16
CA HIS B 154 -8.56 16.08 14.48
C HIS B 154 -8.79 17.60 14.49
N PRO B 155 -9.40 18.11 15.55
CA PRO B 155 -9.75 19.54 15.59
C PRO B 155 -8.58 20.47 15.30
N ASP B 156 -7.35 20.05 15.65
CA ASP B 156 -6.17 20.92 15.45
C ASP B 156 -5.65 20.92 14.01
N LEU B 157 -6.25 20.11 13.12
CA LEU B 157 -5.65 19.84 11.82
C LEU B 157 -6.69 19.92 10.72
N GLN B 158 -7.91 20.24 11.09
CA GLN B 158 -8.99 20.35 10.10
C GLN B 158 -8.73 21.42 9.04
N GLY B 159 -9.02 21.08 7.78
CA GLY B 159 -8.90 22.04 6.69
C GLY B 159 -7.45 22.30 6.34
N LYS B 160 -6.55 21.56 6.97
CA LYS B 160 -5.12 21.87 6.95
C LYS B 160 -4.38 20.92 6.01
N VAL B 161 -4.91 19.73 5.81
CA VAL B 161 -4.25 18.73 4.98
C VAL B 161 -4.68 18.90 3.54
N ILE B 162 -3.88 19.58 2.73
CA ILE B 162 -4.33 19.98 1.39
C ILE B 162 -3.89 19.01 0.28
N GLY B 163 -3.04 18.05 0.63
CA GLY B 163 -2.58 17.03 -0.30
C GLY B 163 -2.32 15.74 0.46
N TRP B 164 -2.31 14.62 -0.25
CA TRP B 164 -2.27 13.32 0.41
C TRP B 164 -1.78 12.25 -0.56
N VAL B 165 -0.96 11.34 -0.05
CA VAL B 165 -0.65 10.13 -0.77
C VAL B 165 -0.35 9.03 0.22
N ASP B 166 -0.86 7.84 -0.06
CA ASP B 166 -0.73 6.69 0.82
C ASP B 166 -0.02 5.56 0.04
N PHE B 167 1.27 5.39 0.34
CA PHE B 167 2.10 4.46 -0.41
C PHE B 167 2.19 3.15 0.34
N VAL B 168 1.40 3.02 1.41
CA VAL B 168 1.30 1.78 2.16
C VAL B 168 0.01 1.02 1.87
N ASN B 169 -1.12 1.73 1.90
CA ASN B 169 -2.39 1.12 1.53
C ASN B 169 -3.11 1.73 0.35
N GLY B 170 -2.58 2.80 -0.21
CA GLY B 170 -3.23 3.43 -1.37
C GLY B 170 -4.62 4.06 -1.20
N LYS B 171 -4.99 4.39 0.04
CA LYS B 171 -6.26 5.09 0.31
C LYS B 171 -6.26 6.53 -0.17
N THR B 172 -7.39 6.97 -0.72
CA THR B 172 -7.47 8.22 -1.46
C THR B 172 -7.61 9.38 -0.46
N THR B 173 -7.73 9.02 0.81
CA THR B 173 -8.23 9.91 1.85
C THR B 173 -7.35 9.80 3.08
N PRO B 174 -6.88 10.95 3.62
CA PRO B 174 -5.97 10.99 4.77
C PRO B 174 -6.49 10.16 5.92
N TYR B 175 -5.59 9.49 6.62
CA TYR B 175 -5.87 8.87 7.93
C TYR B 175 -4.55 8.60 8.61
N ASP B 176 -4.58 8.11 9.84
CA ASP B 176 -3.37 7.72 10.53
C ASP B 176 -3.70 6.50 11.35
N ASP B 177 -3.19 5.35 10.96
CA ASP B 177 -3.56 4.13 11.67
C ASP B 177 -2.58 3.82 12.77
N ASN B 178 -1.74 4.79 13.14
CA ASN B 178 -0.75 4.52 14.20
C ASN B 178 -0.74 5.61 15.27
N GLY B 179 -0.75 6.86 14.82
CA GLY B 179 -0.81 8.01 15.69
C GLY B 179 0.43 8.90 15.57
N HIS B 180 1.56 8.27 15.24
CA HIS B 180 2.84 8.97 15.22
C HIS B 180 2.83 10.14 14.23
N GLY B 181 2.32 9.94 13.02
CA GLY B 181 2.31 10.99 11.99
C GLY B 181 1.48 12.20 12.40
N THR B 182 0.37 11.92 13.08
CA THR B 182 -0.54 12.96 13.57
C THR B 182 0.14 13.76 14.69
N HIS B 183 0.78 13.06 15.62
CA HIS B 183 1.48 13.75 16.67
C HIS B 183 2.53 14.70 16.06
N VAL B 184 3.23 14.21 15.04
CA VAL B 184 4.33 14.95 14.43
C VAL B 184 3.80 16.13 13.64
N ALA B 185 2.73 15.87 12.88
CA ALA B 185 2.06 16.89 12.12
C ALA B 185 1.60 18.05 13.02
N SER B 186 1.16 17.76 14.24
CA SER B 186 0.60 18.81 15.06
C SER B 186 1.66 19.63 15.74
N ILE B 187 2.82 19.00 15.97
CA ILE B 187 3.96 19.69 16.55
C ILE B 187 4.46 20.70 15.52
N ALA B 188 4.43 20.31 14.25
CA ALA B 188 4.81 21.20 13.19
C ALA B 188 3.81 22.34 12.92
N ALA B 189 2.52 22.03 12.82
CA ALA B 189 1.54 22.93 12.23
C ALA B 189 0.15 22.95 12.91
N GLY B 190 0.01 22.29 14.05
CA GLY B 190 -1.30 22.20 14.73
C GLY B 190 -1.72 23.58 15.25
N THR B 191 -3.02 23.87 15.14
CA THR B 191 -3.59 25.11 15.63
C THR B 191 -3.72 25.13 17.13
N GLY B 192 -3.62 23.97 17.78
CA GLY B 192 -3.99 23.83 19.19
C GLY B 192 -5.43 24.18 19.57
N ALA B 193 -6.36 24.17 18.62
CA ALA B 193 -7.78 24.44 18.91
C ALA B 193 -8.36 23.72 20.15
N ALA B 194 -8.08 22.42 20.30
CA ALA B 194 -8.67 21.64 21.38
C ALA B 194 -8.06 21.99 22.74
N SER B 195 -7.03 22.83 22.75
CA SER B 195 -6.45 23.26 24.02
C SER B 195 -6.35 24.77 24.07
N ASN B 196 -7.18 25.43 23.25
CA ASN B 196 -7.17 26.89 23.16
C ASN B 196 -5.77 27.43 22.87
N GLY B 197 -4.99 26.68 22.09
CA GLY B 197 -3.70 27.18 21.64
C GLY B 197 -2.54 26.68 22.47
N LYS B 198 -2.79 26.09 23.64
CA LYS B 198 -1.68 25.68 24.48
C LYS B 198 -0.76 24.71 23.73
N TYR B 199 -1.36 23.70 23.08
CA TYR B 199 -0.55 22.67 22.37
C TYR B 199 -0.56 22.90 20.86
N LYS B 200 -0.49 24.17 20.49
CA LYS B 200 -0.33 24.50 19.10
C LYS B 200 1.07 24.09 18.63
N GLY B 201 1.20 23.89 17.34
CA GLY B 201 2.49 23.56 16.73
C GLY B 201 3.32 24.80 16.51
N MET B 202 4.54 24.63 16.02
CA MET B 202 5.45 25.75 15.82
C MET B 202 5.03 26.64 14.65
N ALA B 203 4.29 26.09 13.68
CA ALA B 203 3.71 26.92 12.62
C ALA B 203 2.20 26.67 12.40
N PRO B 204 1.35 27.24 13.30
CA PRO B 204 -0.09 26.99 13.35
C PRO B 204 -0.84 27.49 12.13
N GLY B 205 -0.19 28.33 11.32
CA GLY B 205 -0.78 28.78 10.05
C GLY B 205 -0.44 27.93 8.84
N ALA B 206 0.60 27.10 8.96
CA ALA B 206 1.07 26.31 7.81
C ALA B 206 0.04 25.29 7.36
N LYS B 207 0.06 24.96 6.08
CA LYS B 207 -0.71 23.83 5.57
C LYS B 207 0.13 22.57 5.57
N LEU B 208 -0.54 21.42 5.44
CA LEU B 208 0.11 20.13 5.53
C LEU B 208 -0.13 19.31 4.26
N VAL B 209 0.83 18.47 3.93
CA VAL B 209 0.62 17.37 2.99
C VAL B 209 1.01 16.07 3.70
N GLY B 210 0.08 15.11 3.72
CA GLY B 210 0.34 13.81 4.34
C GLY B 210 0.86 12.81 3.35
N ILE B 211 2.01 12.22 3.66
CA ILE B 211 2.69 11.23 2.78
C ILE B 211 2.98 9.97 3.56
N LYS B 212 2.09 9.00 3.46
CA LYS B 212 2.18 7.87 4.40
C LYS B 212 3.11 6.81 3.82
N VAL B 213 4.24 6.58 4.48
CA VAL B 213 5.22 5.61 4.01
C VAL B 213 5.57 4.60 5.11
N LEU B 214 5.08 4.84 6.31
CA LEU B 214 5.24 3.86 7.40
C LEU B 214 3.90 3.19 7.64
N ASN B 215 3.93 1.92 8.04
CA ASN B 215 2.72 1.18 8.38
C ASN B 215 2.18 1.37 9.81
N GLY B 216 1.14 0.61 10.13
CA GLY B 216 0.45 0.74 11.43
C GLY B 216 1.36 0.50 12.61
N GLN B 217 2.49 -0.14 12.38
CA GLN B 217 3.47 -0.28 13.46
C GLN B 217 4.60 0.76 13.36
N GLY B 218 4.48 1.72 12.45
CA GLY B 218 5.48 2.78 12.37
C GLY B 218 6.79 2.27 11.78
N SER B 219 6.67 1.21 10.99
CA SER B 219 7.83 0.68 10.30
C SER B 219 7.68 0.73 8.78
N GLY B 220 8.81 0.68 8.08
CA GLY B 220 8.83 0.75 6.64
C GLY B 220 10.21 0.37 6.14
N SER B 221 10.42 0.47 4.83
CA SER B 221 11.72 0.27 4.25
C SER B 221 12.29 1.57 3.74
N ILE B 222 13.61 1.61 3.61
CA ILE B 222 14.33 2.69 2.95
C ILE B 222 13.70 3.05 1.60
N SER B 223 13.35 2.05 0.80
CA SER B 223 12.80 2.32 -0.54
C SER B 223 11.50 3.13 -0.46
N ASP B 224 10.69 2.86 0.56
CA ASP B 224 9.43 3.57 0.75
C ASP B 224 9.63 5.02 1.14
N ILE B 225 10.67 5.28 1.90
CA ILE B 225 10.96 6.62 2.31
C ILE B 225 11.39 7.41 1.12
N ILE B 226 12.32 6.85 0.34
CA ILE B 226 12.83 7.54 -0.83
C ILE B 226 11.65 7.85 -1.77
N ASN B 227 10.71 6.90 -1.86
CA ASN B 227 9.53 7.11 -2.70
C ASN B 227 8.65 8.25 -2.18
N GLY B 228 8.49 8.35 -0.87
CA GLY B 228 7.83 9.50 -0.25
C GLY B 228 8.54 10.81 -0.52
N VAL B 229 9.87 10.79 -0.48
CA VAL B 229 10.66 12.01 -0.79
C VAL B 229 10.51 12.40 -2.27
N ASP B 230 10.61 11.40 -3.14
CA ASP B 230 10.48 11.59 -4.58
C ASP B 230 9.15 12.30 -4.92
N TRP B 231 8.06 11.76 -4.37
CA TRP B 231 6.72 12.32 -4.58
C TRP B 231 6.65 13.80 -4.11
N ALA B 232 7.25 14.08 -2.96
CA ALA B 232 7.29 15.45 -2.43
C ALA B 232 7.99 16.42 -3.36
N VAL B 233 9.13 16.02 -3.90
CA VAL B 233 9.80 16.83 -4.91
C VAL B 233 8.92 16.95 -6.18
N GLN B 234 8.36 15.84 -6.66
CA GLN B 234 7.52 15.91 -7.88
C GLN B 234 6.35 16.86 -7.66
N ASN B 235 5.80 16.84 -6.46
CA ASN B 235 4.54 17.57 -6.24
C ASN B 235 4.72 18.92 -5.55
N LYS B 236 5.95 19.43 -5.61
CA LYS B 236 6.38 20.59 -4.83
C LYS B 236 5.59 21.84 -5.21
N ASP B 237 5.48 22.10 -6.52
CA ASP B 237 4.75 23.26 -7.01
C ASP B 237 3.25 23.11 -6.82
N LYS B 238 2.71 21.92 -7.10
CA LYS B 238 1.30 21.64 -6.94
C LYS B 238 0.72 21.95 -5.56
N TYR B 239 1.50 21.76 -4.51
CA TYR B 239 0.98 21.98 -3.16
C TYR B 239 1.77 23.02 -2.40
N GLY B 240 2.75 23.64 -3.06
CA GLY B 240 3.50 24.71 -2.43
C GLY B 240 4.31 24.16 -1.27
N ILE B 241 4.86 22.96 -1.44
CA ILE B 241 5.61 22.33 -0.35
C ILE B 241 6.93 23.08 -0.19
N LYS B 242 7.33 23.44 1.04
CA LYS B 242 8.61 24.13 1.19
C LYS B 242 9.50 23.46 2.23
N VAL B 243 8.87 22.65 3.09
CA VAL B 243 9.55 21.92 4.14
C VAL B 243 9.03 20.50 4.06
N ILE B 244 9.92 19.53 4.22
CA ILE B 244 9.48 18.16 4.48
C ILE B 244 10.10 17.67 5.76
N ASN B 245 9.38 16.81 6.47
CA ASN B 245 9.73 16.37 7.82
C ASN B 245 9.85 14.85 7.79
N LEU B 246 10.96 14.32 8.29
CA LEU B 246 11.14 12.87 8.41
C LEU B 246 11.49 12.51 9.83
N SER B 247 10.50 12.19 10.65
CA SER B 247 10.72 11.88 12.06
C SER B 247 10.98 10.38 12.18
N LEU B 248 12.00 9.89 11.49
CA LEU B 248 12.17 8.45 11.24
C LEU B 248 13.63 8.23 10.82
N GLY B 249 14.08 6.97 10.80
CA GLY B 249 15.46 6.67 10.42
C GLY B 249 15.79 5.20 10.59
N SER B 250 16.96 4.79 10.09
CA SER B 250 17.65 3.57 10.55
C SER B 250 18.74 3.98 11.51
N SER B 251 19.12 3.06 12.38
CA SER B 251 20.07 3.36 13.44
C SER B 251 21.51 2.88 13.14
N GLN B 252 21.69 2.15 12.04
CA GLN B 252 23.03 1.75 11.61
C GLN B 252 23.85 2.97 11.15
N SER B 253 24.91 3.28 11.89
CA SER B 253 25.83 4.38 11.53
C SER B 253 26.00 4.49 10.03
N SER B 254 25.79 5.68 9.51
CA SER B 254 25.84 5.91 8.08
C SER B 254 26.86 7.00 7.80
N ASP B 255 27.45 6.97 6.60
CA ASP B 255 28.29 8.08 6.11
C ASP B 255 27.57 8.98 5.12
N GLY B 256 26.25 8.84 5.04
CA GLY B 256 25.44 9.72 4.23
C GLY B 256 25.69 9.63 2.74
N THR B 257 26.22 8.49 2.29
CA THR B 257 26.25 8.20 0.87
C THR B 257 25.26 7.11 0.43
N ASP B 258 24.51 6.54 1.36
CA ASP B 258 23.44 5.59 1.05
C ASP B 258 22.33 6.28 0.24
N SER B 259 21.48 5.48 -0.37
CA SER B 259 20.48 5.93 -1.33
C SER B 259 19.53 6.99 -0.75
N LEU B 260 19.12 6.83 0.50
CA LEU B 260 18.12 7.73 1.08
C LEU B 260 18.78 9.05 1.52
N SER B 261 20.01 8.98 2.03
CA SER B 261 20.85 10.19 2.22
C SER B 261 21.00 11.01 0.94
N GLN B 262 21.44 10.36 -0.12
CA GLN B 262 21.46 11.01 -1.41
C GLN B 262 20.11 11.60 -1.79
N ALA B 263 19.03 10.84 -1.63
CA ALA B 263 17.71 11.41 -1.95
C ALA B 263 17.42 12.69 -1.14
N VAL B 264 17.59 12.67 0.18
CA VAL B 264 17.27 13.91 0.93
C VAL B 264 18.22 15.11 0.60
N ASN B 265 19.51 14.84 0.43
CA ASN B 265 20.37 15.79 -0.25
C ASN B 265 19.81 16.37 -1.55
N ASN B 266 19.36 15.53 -2.48
CA ASN B 266 18.83 16.08 -3.74
C ASN B 266 17.52 16.85 -3.56
N ALA B 267 16.73 16.46 -2.56
CA ALA B 267 15.47 17.14 -2.25
C ALA B 267 15.78 18.57 -1.76
N TRP B 268 16.79 18.66 -0.92
CA TRP B 268 17.37 19.93 -0.48
C TRP B 268 17.78 20.80 -1.66
N ASP B 269 18.56 20.24 -2.58
CA ASP B 269 18.95 21.03 -3.79
C ASP B 269 17.77 21.41 -4.65
N ALA B 270 16.64 20.74 -4.49
CA ALA B 270 15.49 21.03 -5.31
C ALA B 270 14.65 22.11 -4.64
N GLY B 271 15.14 22.62 -3.51
CA GLY B 271 14.55 23.80 -2.90
C GLY B 271 13.65 23.51 -1.70
N LEU B 272 13.81 22.34 -1.09
CA LEU B 272 13.01 21.99 0.08
C LEU B 272 13.88 22.06 1.32
N VAL B 273 13.36 22.67 2.38
CA VAL B 273 13.98 22.52 3.68
C VAL B 273 13.70 21.12 4.21
N VAL B 274 14.73 20.29 4.25
CA VAL B 274 14.52 18.95 4.73
C VAL B 274 14.96 18.85 6.17
N VAL B 275 14.07 18.37 7.04
CA VAL B 275 14.38 18.24 8.47
C VAL B 275 14.23 16.79 8.91
N VAL B 276 15.17 16.31 9.71
CA VAL B 276 15.33 14.89 9.87
C VAL B 276 15.71 14.60 11.31
N ALA B 277 15.16 13.53 11.86
CA ALA B 277 15.42 13.16 13.25
C ALA B 277 16.84 12.61 13.34
N ALA B 278 17.55 12.96 14.40
CA ALA B 278 18.87 12.41 14.66
C ALA B 278 18.83 10.89 14.93
N GLY B 279 17.69 10.40 15.43
CA GLY B 279 17.55 9.01 15.86
C GLY B 279 17.52 8.90 17.38
N ASN B 280 17.01 7.77 17.87
CA ASN B 280 16.92 7.53 19.30
C ASN B 280 17.86 6.41 19.76
N SER B 281 18.99 6.24 19.06
CA SER B 281 19.95 5.14 19.37
C SER B 281 21.00 5.55 20.42
N GLY B 282 20.94 6.78 20.91
CA GLY B 282 21.99 7.28 21.78
C GLY B 282 21.99 6.48 23.07
N PRO B 283 22.92 6.77 23.99
CA PRO B 283 23.76 7.97 24.05
C PRO B 283 25.20 7.83 23.56
N ASN B 284 25.57 6.69 22.99
CA ASN B 284 26.92 6.50 22.44
C ASN B 284 27.11 7.20 21.09
N LYS B 285 28.37 7.50 20.79
CA LYS B 285 28.75 8.07 19.53
C LYS B 285 28.44 7.16 18.36
N TYR B 286 28.48 7.74 17.17
CA TYR B 286 28.27 6.98 15.95
C TYR B 286 26.93 6.25 15.99
N THR B 287 25.89 6.89 16.54
CA THR B 287 24.53 6.35 16.47
C THR B 287 23.64 7.19 15.55
N VAL B 288 24.28 7.91 14.64
CA VAL B 288 23.59 8.69 13.62
C VAL B 288 23.54 7.86 12.34
N GLY B 289 22.32 7.60 11.86
CA GLY B 289 22.10 6.66 10.77
C GLY B 289 21.63 7.38 9.52
N SER B 290 20.85 6.71 8.69
CA SER B 290 20.21 7.39 7.55
C SER B 290 18.73 7.59 7.85
N PRO B 291 18.19 8.78 7.52
CA PRO B 291 18.87 9.87 6.80
C PRO B 291 19.51 10.92 7.70
N ALA B 292 19.63 10.65 9.00
CA ALA B 292 20.26 11.59 9.93
C ALA B 292 21.66 12.03 9.49
N ALA B 293 22.37 11.15 8.78
CA ALA B 293 23.75 11.42 8.40
C ALA B 293 23.86 12.27 7.14
N ALA B 294 22.75 12.43 6.41
CA ALA B 294 22.84 13.20 5.18
C ALA B 294 23.38 14.61 5.48
N SER B 295 24.40 15.03 4.75
CA SER B 295 25.10 16.28 5.10
C SER B 295 24.28 17.57 4.93
N LYS B 296 23.48 17.66 3.86
CA LYS B 296 22.81 18.91 3.54
C LYS B 296 21.62 19.21 4.45
N VAL B 297 21.03 18.19 5.05
CA VAL B 297 19.80 18.33 5.78
C VAL B 297 20.01 18.84 7.20
N ILE B 298 18.94 19.30 7.82
CA ILE B 298 18.98 19.67 9.22
C ILE B 298 18.66 18.46 10.08
N THR B 299 19.65 17.99 10.81
CA THR B 299 19.47 16.87 11.70
C THR B 299 19.33 17.34 13.13
N VAL B 300 18.32 16.82 13.84
CA VAL B 300 17.83 17.42 15.07
C VAL B 300 17.84 16.40 16.21
N GLY B 301 18.61 16.70 17.25
CA GLY B 301 18.57 15.93 18.50
C GLY B 301 17.51 16.44 19.46
N ALA B 302 17.39 15.77 20.63
CA ALA B 302 16.31 16.04 21.58
C ALA B 302 16.86 16.51 22.92
N VAL B 303 16.37 17.65 23.41
CA VAL B 303 16.57 18.01 24.81
C VAL B 303 15.28 17.89 25.62
N ASP B 304 15.45 17.85 26.93
CA ASP B 304 14.32 17.77 27.82
C ASP B 304 13.85 19.18 28.21
N LYS B 305 12.81 19.22 29.03
CA LYS B 305 12.27 20.43 29.65
C LYS B 305 13.32 21.44 30.06
N TYR B 306 14.47 20.93 30.53
CA TYR B 306 15.49 21.77 31.14
C TYR B 306 16.60 22.06 30.16
N ASP B 307 16.32 21.86 28.86
CA ASP B 307 17.35 22.04 27.84
C ASP B 307 18.57 21.15 28.09
N VAL B 308 18.36 20.01 28.74
CA VAL B 308 19.38 18.97 28.83
C VAL B 308 19.15 17.82 27.82
N ILE B 309 20.17 17.54 27.01
CA ILE B 309 20.09 16.50 26.00
C ILE B 309 19.56 15.20 26.63
N THR B 310 18.67 14.49 25.92
CA THR B 310 18.21 13.23 26.47
C THR B 310 19.22 12.10 26.28
N ASP B 311 19.19 11.12 27.18
CA ASP B 311 19.93 9.86 26.97
C ASP B 311 19.74 9.24 25.60
N PHE B 312 18.47 9.13 25.17
CA PHE B 312 18.18 8.45 23.90
C PHE B 312 18.66 9.17 22.62
N SER B 313 18.77 10.49 22.67
CA SER B 313 19.07 11.24 21.46
C SER B 313 20.35 10.69 20.80
N SER B 314 20.30 10.41 19.50
CA SER B 314 21.46 9.81 18.83
C SER B 314 22.63 10.78 18.92
N ARG B 315 23.84 10.24 19.07
CA ARG B 315 25.04 11.07 19.03
C ARG B 315 25.81 10.87 17.74
N GLY B 316 26.43 11.95 17.26
CA GLY B 316 27.35 11.83 16.14
C GLY B 316 28.64 11.16 16.57
N PRO B 317 29.67 11.22 15.71
CA PRO B 317 29.58 11.75 14.34
C PRO B 317 28.89 10.80 13.39
N THR B 318 28.85 11.17 12.10
CA THR B 318 28.50 10.23 11.07
C THR B 318 29.61 9.17 10.95
N ALA B 319 29.36 8.10 10.16
CA ALA B 319 30.39 7.06 9.93
C ALA B 319 31.70 7.64 9.41
N ASP B 320 31.59 8.71 8.61
CA ASP B 320 32.77 9.41 8.11
C ASP B 320 33.22 10.58 9.00
N ASN B 321 32.92 10.53 10.29
CA ASN B 321 33.38 11.56 11.21
C ASN B 321 32.88 13.01 10.97
N ARG B 322 31.74 13.19 10.29
CA ARG B 322 31.14 14.53 10.19
C ARG B 322 30.29 14.92 11.40
N LEU B 323 30.19 16.22 11.66
CA LEU B 323 29.41 16.72 12.80
C LEU B 323 27.91 16.61 12.55
N LYS B 324 27.24 15.77 13.34
CA LYS B 324 25.75 15.69 13.38
C LYS B 324 25.44 15.35 14.83
N PRO B 325 24.27 15.78 15.37
CA PRO B 325 23.31 16.66 14.72
C PRO B 325 23.82 18.11 14.74
N GLU B 326 23.31 18.93 13.83
CA GLU B 326 23.58 20.38 13.86
C GLU B 326 22.86 21.14 14.99
N VAL B 327 21.61 20.76 15.29
CA VAL B 327 20.78 21.50 16.28
C VAL B 327 19.97 20.54 17.13
N VAL B 328 19.54 20.98 18.31
CA VAL B 328 18.59 20.19 19.09
C VAL B 328 17.37 21.01 19.42
N ALA B 329 16.30 20.33 19.85
CA ALA B 329 15.00 20.96 20.08
C ALA B 329 14.24 20.12 21.09
N PRO B 330 13.20 20.71 21.72
CA PRO B 330 12.40 20.01 22.71
C PRO B 330 11.88 18.66 22.20
N GLY B 331 12.14 17.58 22.92
CA GLY B 331 11.79 16.28 22.40
C GLY B 331 11.37 15.29 23.45
N ASN B 332 11.23 15.73 24.69
CA ASN B 332 10.93 14.80 25.80
C ASN B 332 9.48 14.94 26.29
N TRP B 333 8.67 13.90 26.11
CA TRP B 333 7.28 13.95 26.61
C TRP B 333 6.53 15.22 26.12
N ILE B 334 6.68 15.49 24.82
CA ILE B 334 5.92 16.52 24.16
C ILE B 334 4.45 16.13 24.01
N ILE B 335 3.55 17.00 24.48
CA ILE B 335 2.12 16.83 24.31
C ILE B 335 1.70 17.37 22.96
N ALA B 336 1.01 16.55 22.18
CA ALA B 336 0.55 16.97 20.88
C ALA B 336 -0.60 16.09 20.48
N ALA B 337 -1.11 16.28 19.26
CA ALA B 337 -2.41 15.75 18.92
C ALA B 337 -2.42 14.23 19.03
N ARG B 338 -3.51 13.70 19.53
CA ARG B 338 -3.73 12.25 19.56
C ARG B 338 -4.69 11.86 18.44
N ALA B 339 -4.22 11.03 17.51
CA ALA B 339 -5.02 10.66 16.35
C ALA B 339 -6.23 9.85 16.82
N SER B 340 -7.35 10.02 16.15
CA SER B 340 -8.55 9.26 16.50
C SER B 340 -8.25 7.74 16.58
N GLY B 341 -8.52 7.12 17.72
CA GLY B 341 -8.45 5.66 17.85
C GLY B 341 -7.07 5.16 18.30
N THR B 342 -6.16 6.07 18.62
CA THR B 342 -4.78 5.69 18.92
C THR B 342 -4.37 6.21 20.27
N SER B 343 -3.31 5.63 20.82
CA SER B 343 -2.78 6.06 22.13
C SER B 343 -1.27 5.90 22.16
N MET B 344 -0.58 6.67 21.33
CA MET B 344 0.87 6.68 21.35
C MET B 344 1.36 7.43 22.59
N GLY B 345 2.34 6.87 23.27
CA GLY B 345 2.87 7.46 24.50
C GLY B 345 1.87 7.48 25.64
N GLN B 346 1.82 8.58 26.38
CA GLN B 346 0.92 8.71 27.52
C GLN B 346 -0.13 9.79 27.27
N PRO B 347 -1.35 9.36 26.92
CA PRO B 347 -2.53 10.20 26.65
C PRO B 347 -2.83 11.19 27.77
N ILE B 348 -3.15 12.42 27.41
CA ILE B 348 -3.42 13.46 28.40
C ILE B 348 -4.94 13.57 28.54
N ASN B 349 -5.64 13.42 27.43
CA ASN B 349 -7.09 13.41 27.42
C ASN B 349 -7.49 12.90 26.05
N ASP B 350 -8.76 13.01 25.72
CA ASP B 350 -9.22 12.51 24.44
C ASP B 350 -8.44 13.06 23.25
N TYR B 351 -7.85 14.24 23.40
CA TYR B 351 -7.36 15.00 22.24
C TYR B 351 -5.84 15.02 22.11
N TYR B 352 -5.14 14.75 23.21
CA TYR B 352 -3.73 15.00 23.30
C TYR B 352 -3.05 13.84 23.98
N THR B 353 -1.83 13.60 23.51
CA THR B 353 -0.97 12.60 24.05
C THR B 353 0.49 13.11 24.05
N ALA B 354 1.29 12.59 24.98
CA ALA B 354 2.63 13.07 25.21
C ALA B 354 3.59 11.92 24.86
N ALA B 355 4.70 12.25 24.21
CA ALA B 355 5.67 11.21 23.83
C ALA B 355 7.06 11.79 23.66
N PRO B 356 8.11 10.98 23.91
CA PRO B 356 9.49 11.38 23.68
C PRO B 356 10.07 10.88 22.36
N GLY B 357 10.99 11.66 21.81
CA GLY B 357 11.81 11.15 20.72
C GLY B 357 12.29 12.29 19.88
N THR B 358 13.39 12.06 19.17
CA THR B 358 13.87 13.03 18.22
C THR B 358 12.81 13.20 17.13
N ALA B 359 11.91 12.20 17.00
CA ALA B 359 10.68 12.38 16.20
C ALA B 359 9.85 13.60 16.62
N MET B 360 9.82 13.91 17.92
CA MET B 360 9.09 15.11 18.38
C MET B 360 9.89 16.41 18.24
N ALA B 361 11.21 16.31 18.32
CA ALA B 361 12.07 17.48 18.21
C ALA B 361 12.08 18.00 16.77
N THR B 362 12.08 17.04 15.84
CA THR B 362 12.25 17.31 14.42
C THR B 362 11.18 18.28 13.86
N PRO B 363 9.87 18.01 14.13
CA PRO B 363 8.83 18.86 13.57
C PRO B 363 8.73 20.23 14.26
N HIS B 364 9.21 20.34 15.50
CA HIS B 364 9.46 21.63 16.12
C HIS B 364 10.36 22.49 15.19
N VAL B 365 11.41 21.89 14.64
CA VAL B 365 12.30 22.67 13.77
C VAL B 365 11.64 22.90 12.39
N ALA B 366 10.91 21.91 11.90
CA ALA B 366 10.19 22.04 10.62
C ALA B 366 9.18 23.19 10.65
N GLY B 367 8.48 23.33 11.77
CA GLY B 367 7.51 24.43 11.92
C GLY B 367 8.20 25.78 11.99
N ILE B 368 9.38 25.81 12.58
CA ILE B 368 10.18 27.03 12.65
C ILE B 368 10.65 27.37 11.28
N ALA B 369 11.18 26.37 10.55
CA ALA B 369 11.49 26.63 9.12
C ALA B 369 10.30 27.30 8.41
N ALA B 370 9.11 26.75 8.56
CA ALA B 370 7.94 27.31 7.87
C ALA B 370 7.66 28.76 8.32
N LEU B 371 7.80 29.05 9.61
CA LEU B 371 7.77 30.42 10.15
C LEU B 371 8.71 31.34 9.39
N LEU B 372 9.98 30.96 9.39
CA LEU B 372 11.02 31.79 8.77
C LEU B 372 10.66 32.05 7.32
N LEU B 373 10.16 31.01 6.67
CA LEU B 373 9.86 31.04 5.26
C LEU B 373 8.70 31.97 4.95
N GLN B 374 7.70 32.03 5.84
CA GLN B 374 6.68 33.09 5.75
C GLN B 374 7.29 34.48 5.96
N ALA B 375 8.07 34.66 7.01
CA ALA B 375 8.76 35.93 7.28
C ALA B 375 9.71 36.34 6.14
N HIS B 376 10.39 35.36 5.54
CA HIS B 376 11.50 35.62 4.62
C HIS B 376 11.39 34.74 3.38
N PRO B 377 10.41 35.02 2.52
CA PRO B 377 10.13 34.12 1.40
C PRO B 377 11.30 34.00 0.41
N SER B 378 12.35 34.77 0.61
CA SER B 378 13.48 34.63 -0.27
C SER B 378 14.63 33.81 0.32
N TRP B 379 14.49 33.37 1.58
CA TRP B 379 15.47 32.46 2.14
C TRP B 379 15.45 31.12 1.42
N THR B 380 16.63 30.66 1.06
CA THR B 380 16.87 29.29 0.57
C THR B 380 16.95 28.34 1.76
N PRO B 381 16.86 27.01 1.52
CA PRO B 381 17.11 26.07 2.60
C PRO B 381 18.42 26.33 3.32
N ASP B 382 19.49 26.58 2.56
CA ASP B 382 20.77 26.85 3.21
C ASP B 382 20.72 28.04 4.17
N LYS B 383 20.01 29.10 3.81
CA LYS B 383 19.89 30.28 4.68
C LYS B 383 19.07 29.95 5.95
N VAL B 384 18.01 29.16 5.77
CA VAL B 384 17.24 28.70 6.91
C VAL B 384 18.15 27.93 7.88
N LYS B 385 19.01 27.07 7.34
CA LYS B 385 19.82 26.20 8.18
C LYS B 385 20.87 27.05 8.93
N THR B 386 21.54 27.94 8.21
CA THR B 386 22.54 28.78 8.87
C THR B 386 21.98 29.76 9.92
N ALA B 387 20.82 30.32 9.63
CA ALA B 387 20.11 31.13 10.63
C ALA B 387 19.83 30.34 11.92
N LEU B 388 19.40 29.09 11.76
CA LEU B 388 19.02 28.28 12.92
C LEU B 388 20.24 27.90 13.72
N ILE B 389 21.28 27.47 12.99
CA ILE B 389 22.62 27.16 13.54
C ILE B 389 23.20 28.33 14.34
N GLU B 390 23.27 29.46 13.66
CA GLU B 390 24.03 30.59 14.18
C GLU B 390 23.28 31.25 15.33
N THR B 391 21.95 31.22 15.28
CA THR B 391 21.19 31.77 16.42
C THR B 391 20.89 30.80 17.54
N ALA B 392 21.19 29.52 17.37
CA ALA B 392 20.79 28.55 18.38
C ALA B 392 21.31 28.94 19.78
N ASP B 393 20.47 28.78 20.78
CA ASP B 393 20.89 28.98 22.15
C ASP B 393 21.96 27.99 22.58
N ILE B 394 23.06 28.51 23.13
CA ILE B 394 24.15 27.67 23.63
C ILE B 394 23.82 27.22 25.03
N VAL B 395 22.99 26.18 25.13
CA VAL B 395 22.34 25.86 26.40
C VAL B 395 23.28 25.04 27.27
N LYS B 396 24.28 24.43 26.65
CA LYS B 396 25.30 23.67 27.38
C LYS B 396 26.71 23.98 26.86
N PRO B 397 27.28 25.11 27.31
CA PRO B 397 28.49 25.64 26.66
C PRO B 397 29.66 24.67 26.56
N ASP B 398 29.88 23.86 27.58
CA ASP B 398 31.03 22.95 27.57
C ASP B 398 30.79 21.70 26.72
N GLU B 399 29.72 21.69 25.93
CA GLU B 399 29.45 20.61 24.99
C GLU B 399 29.06 21.11 23.59
N ILE B 400 29.26 22.41 23.34
CA ILE B 400 28.92 22.99 22.05
C ILE B 400 30.17 23.68 21.55
N ALA B 401 30.53 23.54 20.28
CA ALA B 401 29.91 22.57 19.39
C ALA B 401 30.45 21.14 19.59
N ASP B 402 29.56 20.15 19.44
CA ASP B 402 29.95 18.74 19.49
C ASP B 402 28.77 17.81 19.14
N ILE B 403 29.03 16.50 19.18
CA ILE B 403 28.18 15.52 18.54
C ILE B 403 26.98 15.08 19.37
N ALA B 404 26.66 15.81 20.43
CA ALA B 404 25.36 15.66 21.09
C ALA B 404 24.41 16.86 20.88
N TYR B 405 24.90 18.07 21.16
CA TYR B 405 24.07 19.28 21.12
C TYR B 405 24.15 20.01 19.78
N GLY B 406 25.15 19.69 18.98
CA GLY B 406 25.46 20.46 17.79
C GLY B 406 25.80 21.90 18.11
N ALA B 407 25.12 22.82 17.42
CA ALA B 407 25.26 24.26 17.60
C ALA B 407 24.40 24.79 18.75
N GLY B 408 23.59 23.91 19.35
CA GLY B 408 22.73 24.31 20.46
C GLY B 408 21.24 24.16 20.13
N ARG B 409 20.40 24.81 20.95
CA ARG B 409 18.96 24.54 20.96
C ARG B 409 18.26 25.64 20.16
N VAL B 410 17.48 25.25 19.14
CA VAL B 410 16.98 26.26 18.20
C VAL B 410 16.23 27.34 18.97
N ASN B 411 16.29 28.57 18.46
CA ASN B 411 15.51 29.65 19.02
C ASN B 411 14.74 30.36 17.91
N ALA B 412 13.43 30.23 17.93
CA ALA B 412 12.59 30.72 16.83
C ALA B 412 12.59 32.27 16.79
N TYR B 413 12.55 32.90 17.95
CA TYR B 413 12.65 34.37 18.07
C TYR B 413 13.95 34.91 17.43
N LYS B 414 15.10 34.40 17.87
CA LYS B 414 16.38 34.84 17.33
C LYS B 414 16.51 34.58 15.83
N ALA B 415 15.99 33.44 15.38
CA ALA B 415 16.15 33.05 13.97
C ALA B 415 15.34 33.98 13.10
N ALA B 416 14.12 34.29 13.52
CA ALA B 416 13.27 35.20 12.75
C ALA B 416 13.92 36.58 12.54
N TYR B 417 14.77 36.99 13.50
CA TYR B 417 15.39 38.32 13.45
C TYR B 417 16.77 38.30 12.81
N TYR B 418 17.15 37.13 12.29
CA TYR B 418 18.48 36.95 11.75
C TYR B 418 18.94 38.10 10.87
N ASP B 419 18.11 38.47 9.90
CA ASP B 419 18.49 39.49 8.94
C ASP B 419 18.59 40.89 9.56
N ASN B 420 17.96 41.07 10.72
CA ASN B 420 17.88 42.41 11.34
C ASN B 420 18.99 42.62 12.37
N TYR B 421 19.70 41.53 12.69
CA TYR B 421 20.78 41.59 13.67
C TYR B 421 22.06 42.14 13.07
N ALA B 422 22.96 42.63 13.91
CA ALA B 422 24.27 43.02 13.40
C ALA B 422 25.07 41.75 13.11
N LYS B 423 25.82 41.79 12.01
CA LYS B 423 26.63 40.66 11.56
C LYS B 423 28.05 41.13 11.17
N LEU B 424 29.06 40.36 11.55
CA LEU B 424 30.41 40.57 11.06
C LEU B 424 30.94 39.25 10.51
N THR B 425 31.73 39.33 9.45
CA THR B 425 32.27 38.14 8.80
C THR B 425 33.78 38.25 8.66
N PHE B 426 34.48 37.39 9.40
CA PHE B 426 35.93 37.30 9.29
C PHE B 426 36.35 36.12 8.41
N THR B 427 37.27 36.40 7.51
CA THR B 427 37.90 35.38 6.67
C THR B 427 39.44 35.39 6.80
N GLY B 428 40.05 34.25 6.53
CA GLY B 428 41.50 34.15 6.62
C GLY B 428 42.00 32.75 6.29
N TYR B 429 43.28 32.54 6.51
CA TYR B 429 43.92 31.25 6.32
C TYR B 429 44.77 30.95 7.56
N VAL B 430 44.49 29.84 8.24
CA VAL B 430 45.39 29.32 9.27
C VAL B 430 46.15 28.13 8.67
N SER B 431 47.41 27.96 9.07
CA SER B 431 48.19 26.77 8.68
C SER B 431 48.40 25.87 9.90
N ASN B 432 48.92 24.66 9.65
CA ASN B 432 48.86 23.57 10.62
C ASN B 432 49.46 23.96 11.98
N LYS B 433 48.70 23.75 13.04
CA LYS B 433 49.17 24.10 14.39
C LYS B 433 49.24 25.61 14.62
N GLY B 434 48.92 26.40 13.59
CA GLY B 434 48.90 27.87 13.71
C GLY B 434 47.60 28.39 14.32
N SER B 435 47.47 29.72 14.40
CA SER B 435 46.21 30.36 14.75
C SER B 435 46.10 31.80 14.25
N GLN B 436 44.86 32.26 14.08
CA GLN B 436 44.56 33.66 13.74
C GLN B 436 43.58 34.27 14.75
N SER B 437 43.72 35.57 15.00
CA SER B 437 42.80 36.24 15.90
C SER B 437 42.00 37.29 15.15
N HIS B 438 40.80 37.58 15.66
CA HIS B 438 40.03 38.72 15.19
C HIS B 438 39.35 39.43 16.35
N GLN B 439 39.33 40.75 16.29
CA GLN B 439 38.70 41.52 17.33
C GLN B 439 37.41 42.14 16.81
N PHE B 440 36.43 42.28 17.69
CA PHE B 440 35.21 43.02 17.39
C PHE B 440 34.78 43.83 18.59
N THR B 441 34.12 44.95 18.29
CA THR B 441 33.50 45.79 19.30
C THR B 441 32.04 45.38 19.49
N ILE B 442 31.61 45.34 20.75
CA ILE B 442 30.22 45.05 21.08
C ILE B 442 29.72 45.96 22.19
N SER B 443 28.46 46.39 22.09
CA SER B 443 27.73 46.80 23.29
C SER B 443 26.23 46.58 23.22
N GLY B 444 25.64 46.49 24.42
CA GLY B 444 24.20 46.44 24.58
C GLY B 444 23.57 45.08 24.26
N ALA B 445 24.41 44.08 24.02
CA ALA B 445 23.95 42.80 23.51
C ALA B 445 23.28 41.98 24.59
N GLY B 446 22.14 41.38 24.24
CA GLY B 446 21.63 40.25 25.00
C GLY B 446 22.43 38.99 24.67
N PHE B 447 22.92 38.92 23.45
CA PHE B 447 23.77 37.80 23.11
C PHE B 447 24.74 38.09 22.00
N VAL B 448 25.79 37.28 21.97
CA VAL B 448 26.65 37.24 20.83
C VAL B 448 26.96 35.81 20.43
N THR B 449 27.10 35.61 19.14
CA THR B 449 27.40 34.29 18.67
C THR B 449 28.51 34.36 17.59
N ALA B 450 29.42 33.38 17.63
CA ALA B 450 30.41 33.23 16.55
C ALA B 450 30.53 31.79 16.06
N THR B 451 30.31 31.62 14.76
CA THR B 451 30.28 30.31 14.15
C THR B 451 31.36 30.20 13.09
N LEU B 452 32.22 29.21 13.28
CA LEU B 452 33.42 29.04 12.43
C LEU B 452 33.19 27.96 11.37
N TYR B 453 33.49 28.29 10.12
CA TYR B 453 33.45 27.34 9.00
C TYR B 453 34.83 27.33 8.28
N TRP B 454 35.10 26.26 7.52
CA TRP B 454 36.35 26.16 6.77
C TRP B 454 36.34 25.09 5.69
N ASP B 455 37.29 25.20 4.76
CA ASP B 455 37.16 24.59 3.45
C ASP B 455 37.94 23.28 3.31
N ASN B 456 38.79 22.95 4.27
CA ASN B 456 39.50 21.67 4.23
C ASN B 456 38.94 20.70 5.24
N SER B 457 38.17 19.74 4.76
CA SER B 457 37.46 18.81 5.61
C SER B 457 38.38 17.84 6.32
N GLY B 458 39.63 17.76 5.84
CA GLY B 458 40.69 17.03 6.53
C GLY B 458 41.24 17.70 7.78
N SER B 459 41.03 19.01 7.89
CA SER B 459 41.59 19.76 9.02
C SER B 459 40.60 19.94 10.17
N ASP B 460 41.11 19.79 11.39
CA ASP B 460 40.40 20.05 12.63
C ASP B 460 40.77 21.46 13.11
N LEU B 461 39.83 22.41 12.95
CA LEU B 461 40.00 23.74 13.52
C LEU B 461 39.13 23.89 14.76
N ASP B 462 39.63 24.67 15.73
CA ASP B 462 38.93 24.95 16.98
C ASP B 462 38.76 26.47 17.17
N LEU B 463 37.91 26.89 18.12
CA LEU B 463 37.41 28.28 18.18
C LEU B 463 37.39 28.73 19.63
N TYR B 464 37.88 29.96 19.86
CA TYR B 464 37.98 30.47 21.22
C TYR B 464 37.44 31.88 21.33
N LEU B 465 36.77 32.14 22.46
CA LEU B 465 36.23 33.46 22.77
C LEU B 465 36.86 34.05 24.04
N TYR B 466 37.41 35.25 23.89
CA TYR B 466 37.92 36.02 25.04
C TYR B 466 37.16 37.32 25.26
N ASP B 467 36.85 37.61 26.52
CA ASP B 467 36.22 38.88 26.87
C ASP B 467 37.19 40.07 26.83
N PRO B 468 36.66 41.27 27.10
CA PRO B 468 37.48 42.48 27.05
C PRO B 468 38.70 42.42 27.99
N ASN B 469 38.61 41.60 29.03
CA ASN B 469 39.77 41.36 29.90
C ASN B 469 40.72 40.28 29.40
N GLY B 470 40.39 39.65 28.29
CA GLY B 470 41.26 38.63 27.71
C GLY B 470 41.14 37.27 28.38
N ASN B 471 40.12 37.11 29.22
CA ASN B 471 39.79 35.80 29.80
C ASN B 471 39.08 34.91 28.77
N GLN B 472 39.53 33.66 28.66
CA GLN B 472 38.87 32.72 27.74
C GLN B 472 37.50 32.37 28.32
N VAL B 473 36.42 32.80 27.67
CA VAL B 473 35.10 32.60 28.29
C VAL B 473 34.21 31.59 27.58
N ASP B 474 34.67 31.10 26.44
CA ASP B 474 34.02 29.98 25.75
C ASP B 474 34.97 29.40 24.71
N TYR B 475 34.81 28.10 24.41
CA TYR B 475 35.63 27.47 23.37
C TYR B 475 34.74 26.44 22.68
N SER B 476 35.11 26.09 21.46
CA SER B 476 34.43 25.03 20.72
C SER B 476 35.54 24.18 20.07
N TYR B 477 35.71 22.96 20.53
CA TYR B 477 36.77 22.11 19.98
C TYR B 477 36.43 20.63 19.77
N THR B 478 35.30 20.39 19.13
CA THR B 478 34.98 19.06 18.60
C THR B 478 36.07 18.57 17.63
N ALA B 479 36.23 17.26 17.56
CA ALA B 479 37.16 16.64 16.62
C ALA B 479 36.53 16.52 15.22
N TYR B 480 35.20 16.58 15.18
CA TYR B 480 34.43 16.15 14.00
C TYR B 480 33.98 17.31 13.15
N TYR B 481 34.20 17.18 11.85
CA TYR B 481 34.12 18.31 10.93
C TYR B 481 32.70 18.79 10.63
N GLY B 482 32.48 20.07 10.81
CA GLY B 482 31.32 20.75 10.27
C GLY B 482 31.23 22.24 10.53
N PHE B 483 31.55 22.62 11.75
CA PHE B 483 31.60 24.00 12.17
C PHE B 483 32.07 23.97 13.62
N GLU B 484 32.49 25.11 14.11
CA GLU B 484 32.53 25.33 15.57
C GLU B 484 31.68 26.53 15.95
N LYS B 485 31.33 26.64 17.23
CA LYS B 485 30.37 27.67 17.64
C LYS B 485 30.63 28.10 19.06
N VAL B 486 30.91 29.39 19.23
CA VAL B 486 31.05 29.96 20.58
C VAL B 486 30.09 31.12 20.71
N GLY B 487 29.87 31.56 21.93
CA GLY B 487 29.05 32.73 22.12
C GLY B 487 28.95 33.05 23.57
N TYR B 488 28.18 34.09 23.87
CA TYR B 488 28.06 34.54 25.22
C TYR B 488 26.79 35.36 25.39
N TYR B 489 26.20 35.29 26.57
CA TYR B 489 24.97 36.03 26.89
C TYR B 489 25.19 37.23 27.84
N ASN B 490 24.50 38.34 27.57
CA ASN B 490 24.81 39.61 28.21
C ASN B 490 26.30 39.92 28.28
N PRO B 491 27.03 39.80 27.15
CA PRO B 491 28.45 40.14 27.09
C PRO B 491 28.74 41.59 27.54
N THR B 492 29.73 41.77 28.41
CA THR B 492 30.07 43.10 28.89
C THR B 492 30.58 43.94 27.71
N ALA B 493 30.15 45.20 27.60
CA ALA B 493 30.57 46.07 26.49
C ALA B 493 32.07 46.14 26.26
N GLY B 494 32.47 46.36 25.01
CA GLY B 494 33.86 46.64 24.70
C GLY B 494 34.42 45.75 23.61
N THR B 495 35.72 45.49 23.69
CA THR B 495 36.42 44.84 22.57
C THR B 495 36.64 43.36 22.88
N TRP B 496 36.04 42.50 22.06
CA TRP B 496 36.19 41.04 22.25
C TRP B 496 37.17 40.41 21.26
N THR B 497 37.66 39.22 21.58
CA THR B 497 38.51 38.47 20.67
C THR B 497 38.00 37.05 20.45
N ILE B 498 38.04 36.64 19.19
CA ILE B 498 37.91 35.24 18.80
C ILE B 498 39.25 34.77 18.23
N LYS B 499 39.63 33.55 18.56
CA LYS B 499 40.84 32.93 18.00
C LYS B 499 40.48 31.63 17.25
N VAL B 500 40.73 31.61 15.94
CA VAL B 500 40.74 30.38 15.13
C VAL B 500 42.06 29.61 15.25
N VAL B 501 42.03 28.45 15.90
CA VAL B 501 43.22 27.63 16.15
C VAL B 501 43.16 26.34 15.34
N SER B 502 44.20 26.09 14.54
CA SER B 502 44.45 24.78 13.94
C SER B 502 44.86 23.75 14.98
N TYR B 503 44.03 22.74 15.20
CA TYR B 503 44.47 21.63 16.05
C TYR B 503 45.28 20.70 15.19
N SER B 504 44.90 20.59 13.92
CA SER B 504 45.72 19.94 12.92
C SER B 504 45.22 20.29 11.53
N GLY B 505 46.14 20.62 10.65
CA GLY B 505 45.83 20.84 9.24
C GLY B 505 45.58 22.31 8.97
N SER B 506 45.63 22.67 7.69
CA SER B 506 45.53 24.06 7.31
C SER B 506 44.17 24.27 6.63
N ALA B 507 43.69 25.51 6.61
CA ALA B 507 42.42 25.83 5.96
C ALA B 507 42.21 27.30 5.75
N ASN B 508 41.51 27.62 4.67
CA ASN B 508 40.72 28.84 4.57
C ASN B 508 39.42 28.77 5.38
N TYR B 509 39.21 29.75 6.25
CA TYR B 509 38.12 29.73 7.22
C TYR B 509 37.29 30.99 7.16
N GLN B 510 36.18 30.99 7.89
CA GLN B 510 35.17 32.05 7.86
C GLN B 510 34.41 31.97 9.17
N VAL B 511 34.26 33.11 9.82
CA VAL B 511 33.65 33.17 11.13
C VAL B 511 32.50 34.17 11.07
N ASP B 512 31.27 33.66 11.16
CA ASP B 512 30.12 34.56 11.22
C ASP B 512 29.84 34.97 12.67
N VAL B 513 29.94 36.26 12.92
CA VAL B 513 29.60 36.78 14.24
C VAL B 513 28.25 37.48 14.17
N VAL B 514 27.32 37.04 15.03
CA VAL B 514 25.95 37.55 15.06
C VAL B 514 25.61 38.05 16.47
N SER B 515 24.88 39.17 16.54
CA SER B 515 24.53 39.77 17.81
C SER B 515 23.27 40.61 17.68
N ASP B 516 22.48 40.68 18.76
CA ASP B 516 21.39 41.66 18.79
C ASP B 516 21.83 43.05 19.25
N GLY B 517 23.08 43.17 19.72
CA GLY B 517 23.69 44.47 19.96
C GLY B 517 24.40 45.08 18.77
N SER B 518 25.07 46.23 18.96
CA SER B 518 25.93 46.78 17.90
C SER B 518 27.25 46.02 17.82
N LEU B 519 27.74 45.84 16.60
CA LEU B 519 29.05 45.23 16.41
C LEU B 519 29.89 46.18 15.53
N GLY B 520 31.18 46.26 15.79
CA GLY B 520 32.09 46.88 14.81
C GLY B 520 33.40 46.11 14.66
N GLN B 521 34.08 46.27 13.53
CA GLN B 521 35.41 45.67 13.36
C GLN B 521 36.55 46.69 13.27
N PRO B 522 37.36 46.78 14.34
CA PRO B 522 38.55 47.64 14.37
C PRO B 522 39.59 47.22 13.33
CA CA C . -11.48 -27.27 7.18
CA CA D . -10.56 -17.13 11.35
CA CA E . 37.54 21.25 15.78
CA CA F . 31.64 25.65 24.03
#